data_3WEE
#
_entry.id   3WEE
#
_cell.length_a   103.774
_cell.length_b   103.774
_cell.length_c   184.451
_cell.angle_alpha   90.00
_cell.angle_beta   90.00
_cell.angle_gamma   120.00
#
_symmetry.space_group_name_H-M   'P 31 2 1'
#
loop_
_entity.id
_entity.type
_entity.pdbx_description
1 polymer 'Actin-like protein ARP9'
2 polymer 'Actin-related protein 7'
3 non-polymer 'SULFATE ION'
4 non-polymer '3-CYCLOHEXYL-1-PROPYLSULFONIC ACID'
#
loop_
_entity_poly.entity_id
_entity_poly.type
_entity_poly.pdbx_seq_one_letter_code
_entity_poly.pdbx_strand_id
1 'polypeptide(L)'
;MDYKDDDDKGAPFRQDSILIIYPRSQTTLVQFGLNEETFTVPELEIPTQIYRTTRQDGSYTYHSTNKDNKAELIKPIQNG
EIIDISAFTQFLRLIFVSILSDRANKNQDAFEAELSNIPLLLITHHSWSQSDLEIITQYVFESLEINNLIQLPASLAATY
SMISLQN(CMH)CIIDVGTHHTDIIPIVDYAQLDHLVSSIPMGGQSINDSLKKLLPQWDDDQIESLKKSPIFEVLSDDAK
KLSSFDFGNENEDEDEGTLNVAEIITSGRDTREVLEERERGQKVKNVKNSDLEFNTFWDEKGNEIKVGKQRFQG(CMH)N
NLIKNISNRVGLTLDNIDDINKAKAVWENIIIVGGTTSISGFKEALLGQLLKDHLIIEPEEEKSKREEEAKSVLPAATKK
KSKFMTNSTAFVPTIEYVQ(CMH)PTVIKLAKYPDYFPEWKKSGYSEIIFLGAQIVSKQIFTHPKDTFYITREKYNMKGP
AALWDVQF
;
A
2 'polypeptide(L)'
;MTLNRK(CMH)VVIHNGSHRTVAGFSNVELPQ(CMH)IIPSSYIKRTDEGGEAEFIFGTYNMIDAAAEKRNGDEVYTLVD
SQGLPYNWDALEMQWRYLYDTQLKVSPEELPLVITMPATNGKPDMAILERYYELAFDKLNVPVFQIVIEPLAIALSMGKS
SAFVIDIGASGCNVTPIIDGIVVKNAVVRSKFGGDFLDFQVHERLAPLIKEENDMENMADEQKRSTDVWYEASTWIQQFK
STMLQVSEKDLFELERYYKEQADIYAKQQEQLKQMDQQLQYTALTGSPNNPLVQKKNFLFKPLNKTLTLDLKE(CMH)YQ
FAEYLFKPQLISDKFSPEDGLGPLMAKSVKKAGASINSMKANTSTNPNGLGTSHINTNVGDNNSTASSSNISPEQVYSLL
LTNVIITGSTSLIEGMEQRIIKELSIRFPQYKLTTFANQVMMDRKIQGWLGALTMANLPSWSLGKWYSKEDYETLKRDRK
QSQATNATNPHHHHHHH
;
B
#
# COMPACT_ATOMS: atom_id res chain seq x y z
N GLN A 15 15.75 22.28 -27.33
CA GLN A 15 17.10 22.66 -27.73
C GLN A 15 18.11 21.48 -27.82
N ASP A 16 18.26 20.61 -26.80
CA ASP A 16 17.57 20.71 -25.50
C ASP A 16 18.54 21.13 -24.40
N SER A 17 18.28 22.27 -23.79
CA SER A 17 19.02 22.67 -22.61
C SER A 17 18.13 22.44 -21.39
N ILE A 18 18.27 21.25 -20.80
CA ILE A 18 17.50 20.89 -19.62
C ILE A 18 18.40 20.68 -18.40
N LEU A 19 18.07 21.32 -17.27
CA LEU A 19 18.84 21.05 -16.07
C LEU A 19 18.12 19.95 -15.28
N ILE A 20 18.74 18.78 -15.21
CA ILE A 20 18.21 17.70 -14.43
C ILE A 20 18.95 17.54 -13.12
N ILE A 21 18.23 17.70 -12.02
CA ILE A 21 18.84 17.59 -10.71
C ILE A 21 18.22 16.45 -9.92
N TYR A 22 19.07 15.60 -9.35
CA TYR A 22 18.67 14.42 -8.59
C TYR A 22 19.37 14.43 -7.24
N PRO A 23 18.75 15.07 -6.24
CA PRO A 23 19.31 15.20 -4.90
C PRO A 23 19.08 13.94 -4.07
N ARG A 24 20.13 13.45 -3.43
CA ARG A 24 20.04 12.30 -2.54
C ARG A 24 20.67 12.66 -1.20
N SER A 25 20.58 11.75 -0.24
CA SER A 25 21.04 12.00 1.12
C SER A 25 22.49 12.45 1.22
N GLN A 26 23.33 11.84 0.37
CA GLN A 26 24.77 11.95 0.54
C GLN A 26 25.48 12.49 -0.70
N THR A 27 24.85 12.37 -1.86
CA THR A 27 25.33 13.07 -3.05
C THR A 27 24.17 13.73 -3.80
N THR A 28 24.48 14.28 -4.97
CA THR A 28 23.48 14.88 -5.84
C THR A 28 24.03 14.81 -7.24
N LEU A 29 23.24 14.24 -8.14
CA LEU A 29 23.63 14.11 -9.53
C LEU A 29 22.99 15.21 -10.35
N VAL A 30 23.80 15.88 -11.15
CA VAL A 30 23.33 16.99 -11.95
C VAL A 30 23.76 16.80 -13.41
N GLN A 31 22.80 16.89 -14.31
CA GLN A 31 23.09 16.83 -15.74
C GLN A 31 22.55 18.08 -16.44
N PHE A 32 23.46 18.89 -17.00
CA PHE A 32 23.02 20.12 -17.66
C PHE A 32 22.80 19.93 -19.15
N GLY A 33 21.60 20.28 -19.60
CA GLY A 33 21.26 20.17 -20.99
C GLY A 33 21.01 18.72 -21.38
N LEU A 34 20.29 18.54 -22.48
CA LEU A 34 20.08 17.20 -23.01
C LEU A 34 20.79 17.11 -24.36
N ASN A 35 21.06 15.88 -24.81
CA ASN A 35 21.85 15.69 -26.02
C ASN A 35 21.10 14.91 -27.08
N GLU A 36 20.78 13.66 -26.76
CA GLU A 36 20.08 12.71 -27.64
C GLU A 36 21.00 12.17 -28.75
N GLU A 37 22.14 12.84 -28.96
CA GLU A 37 23.26 12.25 -29.70
C GLU A 37 24.50 12.44 -28.82
N THR A 38 25.20 11.32 -28.60
CA THR A 38 26.25 11.23 -27.56
C THR A 38 25.64 11.72 -26.22
N PHE A 39 24.44 11.21 -25.90
CA PHE A 39 23.79 11.52 -24.63
C PHE A 39 24.69 10.98 -23.51
N THR A 40 24.64 11.63 -22.36
CA THR A 40 25.68 11.41 -21.35
C THR A 40 25.10 11.10 -19.99
N VAL A 41 25.89 10.39 -19.19
CA VAL A 41 25.62 10.18 -17.77
C VAL A 41 25.71 11.55 -17.04
N PRO A 42 25.28 11.62 -15.76
CA PRO A 42 25.41 12.87 -15.00
C PRO A 42 26.83 13.45 -15.06
N GLU A 43 26.93 14.68 -15.57
CA GLU A 43 28.20 15.37 -15.69
C GLU A 43 28.75 15.74 -14.33
N LEU A 44 27.86 16.14 -13.42
CA LEU A 44 28.30 16.66 -12.15
C LEU A 44 27.77 15.84 -10.98
N GLU A 45 28.64 15.47 -10.05
CA GLU A 45 28.18 14.83 -8.83
C GLU A 45 28.75 15.55 -7.62
N ILE A 46 27.89 16.19 -6.85
CA ILE A 46 28.36 17.01 -5.73
C ILE A 46 27.77 16.51 -4.42
N PRO A 47 28.51 16.68 -3.32
CA PRO A 47 27.98 16.27 -2.02
C PRO A 47 26.73 17.06 -1.64
N THR A 48 25.72 16.37 -1.15
CA THR A 48 24.53 17.06 -0.69
C THR A 48 24.82 17.68 0.66
N GLN A 49 25.23 18.95 0.63
CA GLN A 49 25.54 19.68 1.84
C GLN A 49 25.65 21.16 1.54
N ILE A 50 25.46 21.99 2.56
CA ILE A 50 25.59 23.42 2.41
C ILE A 50 26.08 24.01 3.72
N TYR A 51 27.02 24.96 3.64
CA TYR A 51 27.56 25.57 4.85
C TYR A 51 26.72 26.77 5.21
N ARG A 52 26.45 26.93 6.50
CA ARG A 52 25.50 27.93 6.95
C ARG A 52 26.02 28.75 8.13
N THR A 53 25.96 30.08 7.98
CA THR A 53 26.32 30.98 9.08
C THR A 53 25.07 31.71 9.58
N THR A 54 25.22 32.42 10.70
CA THR A 54 24.11 33.18 11.27
C THR A 54 24.48 34.65 11.44
N ARG A 55 23.58 35.54 11.03
CA ARG A 55 23.82 36.98 11.11
C ARG A 55 23.60 37.54 12.51
N GLN A 56 23.53 38.86 12.61
CA GLN A 56 23.32 39.52 13.90
C GLN A 56 21.97 39.18 14.53
N ASP A 57 20.94 39.06 13.68
CA ASP A 57 19.55 38.88 14.11
C ASP A 57 19.08 37.43 14.02
N GLY A 58 19.99 36.52 13.69
CA GLY A 58 19.69 35.10 13.59
C GLY A 58 19.30 34.65 12.19
N SER A 59 19.33 35.59 11.25
CA SER A 59 19.05 35.25 9.87
C SER A 59 20.22 34.44 9.29
N TYR A 60 19.88 33.42 8.51
CA TYR A 60 20.87 32.48 8.01
C TYR A 60 21.49 32.89 6.68
N THR A 61 22.81 32.75 6.58
CA THR A 61 23.53 32.98 5.35
C THR A 61 24.12 31.66 4.83
N TYR A 62 23.60 31.19 3.72
CA TYR A 62 24.04 29.92 3.17
C TYR A 62 25.09 30.11 2.09
N HIS A 63 26.14 29.30 2.12
CA HIS A 63 27.15 29.33 1.06
C HIS A 63 27.94 28.01 0.92
N SER A 64 28.65 27.92 -0.20
CA SER A 64 29.28 26.69 -0.68
C SER A 64 30.44 26.18 0.14
N THR A 65 31.22 27.09 0.70
CA THR A 65 32.44 26.71 1.39
C THR A 65 32.50 27.33 2.78
N ASN A 66 33.00 26.55 3.74
CA ASN A 66 33.16 27.01 5.12
C ASN A 66 34.09 28.23 5.24
N LYS A 67 33.66 29.22 6.01
CA LYS A 67 34.49 30.40 6.21
C LYS A 67 35.50 30.05 7.30
N ASP A 68 36.75 29.85 6.87
CA ASP A 68 37.80 29.34 7.73
C ASP A 68 37.32 28.05 8.39
N ASN A 69 37.35 27.99 9.72
CA ASN A 69 36.83 26.84 10.44
C ASN A 69 35.38 27.07 10.93
N LYS A 70 34.89 28.30 10.82
CA LYS A 70 33.63 28.67 11.46
C LYS A 70 32.47 28.81 10.47
N ALA A 71 31.66 27.75 10.39
CA ALA A 71 30.34 27.73 9.75
C ALA A 71 29.74 26.34 9.92
N GLU A 72 28.42 26.27 10.04
CA GLU A 72 27.75 25.02 10.39
C GLU A 72 27.40 24.21 9.15
N LEU A 73 27.95 23.00 9.05
CA LEU A 73 27.63 22.11 7.95
C LEU A 73 26.22 21.54 8.12
N ILE A 74 25.41 21.68 7.07
CA ILE A 74 24.03 21.22 7.09
C ILE A 74 23.77 20.18 6.00
N LYS A 75 23.24 19.03 6.39
CA LYS A 75 22.89 18.00 5.43
C LYS A 75 21.38 17.95 5.28
N PRO A 76 20.87 18.64 4.25
CA PRO A 76 19.43 18.88 4.06
C PRO A 76 18.62 17.62 3.89
N ILE A 77 19.27 16.57 3.39
CA ILE A 77 18.57 15.32 3.13
C ILE A 77 19.07 14.17 3.99
N GLN A 78 18.15 13.57 4.75
CA GLN A 78 18.45 12.38 5.54
C GLN A 78 17.45 11.29 5.21
N ASN A 79 17.96 10.11 4.88
CA ASN A 79 17.11 8.99 4.46
C ASN A 79 16.18 9.37 3.32
N GLY A 80 16.66 10.23 2.43
CA GLY A 80 15.88 10.66 1.28
C GLY A 80 14.89 11.76 1.58
N GLU A 81 14.71 12.07 2.85
CA GLU A 81 13.77 13.10 3.28
C GLU A 81 14.45 14.44 3.37
N ILE A 82 13.69 15.51 3.16
CA ILE A 82 14.20 16.86 3.35
C ILE A 82 13.96 17.32 4.77
N ILE A 83 15.02 17.33 5.58
CA ILE A 83 14.89 17.68 7.00
C ILE A 83 14.99 19.19 7.22
N ASP A 84 15.54 19.89 6.25
CA ASP A 84 15.65 21.35 6.28
C ASP A 84 15.38 21.88 4.89
N ILE A 85 14.17 22.43 4.69
CA ILE A 85 13.74 22.85 3.36
C ILE A 85 14.51 24.07 2.87
N SER A 86 14.86 24.97 3.79
CA SER A 86 15.54 26.20 3.42
C SER A 86 16.95 25.90 2.96
N ALA A 87 17.64 25.09 3.75
CA ALA A 87 18.96 24.62 3.39
C ALA A 87 18.95 23.99 2.00
N PHE A 88 17.91 23.20 1.71
CA PHE A 88 17.76 22.50 0.44
C PHE A 88 17.56 23.46 -0.73
N THR A 89 16.66 24.42 -0.56
CA THR A 89 16.42 25.42 -1.59
C THR A 89 17.70 26.20 -1.91
N GLN A 90 18.38 26.64 -0.85
CA GLN A 90 19.65 27.33 -1.01
C GLN A 90 20.67 26.43 -1.72
N PHE A 91 20.60 25.13 -1.45
CA PHE A 91 21.46 24.17 -2.11
C PHE A 91 21.18 24.17 -3.61
N LEU A 92 19.90 24.23 -3.99
CA LEU A 92 19.55 24.36 -5.40
C LEU A 92 20.14 25.63 -5.99
N ARG A 93 19.99 26.76 -5.28
CA ARG A 93 20.53 28.03 -5.75
C ARG A 93 22.03 27.90 -6.03
N LEU A 94 22.74 27.30 -5.08
CA LEU A 94 24.16 27.10 -5.23
C LEU A 94 24.48 26.15 -6.38
N ILE A 95 23.58 25.21 -6.68
CA ILE A 95 23.72 24.38 -7.88
C ILE A 95 23.64 25.23 -9.16
N PHE A 96 22.67 26.15 -9.24
CA PHE A 96 22.64 27.05 -10.41
C PHE A 96 23.83 28.00 -10.51
N VAL A 97 24.30 28.50 -9.37
CA VAL A 97 25.54 29.27 -9.33
C VAL A 97 26.67 28.42 -9.93
N SER A 98 26.90 27.27 -9.29
CA SER A 98 27.90 26.29 -9.71
C SER A 98 27.76 25.83 -11.16
N ILE A 99 26.59 26.12 -11.74
CA ILE A 99 26.35 25.82 -13.15
C ILE A 99 26.80 26.99 -14.02
N LEU A 100 26.22 28.18 -13.83
CA LEU A 100 26.56 29.34 -14.66
C LEU A 100 28.04 29.73 -14.53
N SER A 101 28.65 29.43 -13.38
CA SER A 101 30.07 29.77 -13.15
C SER A 101 31.01 29.04 -14.10
N ASP A 102 30.69 27.78 -14.44
CA ASP A 102 31.51 27.02 -15.40
C ASP A 102 31.09 27.36 -16.84
N ARG A 103 29.86 27.01 -17.19
CA ARG A 103 29.28 27.39 -18.47
C ARG A 103 28.73 28.83 -18.42
N SER A 116 19.61 33.42 -20.32
CA SER A 116 20.07 32.41 -19.37
C SER A 116 18.89 31.72 -18.67
N ASN A 117 17.85 31.39 -19.43
CA ASN A 117 16.65 30.78 -18.87
C ASN A 117 16.49 29.31 -19.28
N ILE A 118 16.60 28.41 -18.30
CA ILE A 118 16.64 26.98 -18.57
C ILE A 118 15.53 26.25 -17.81
N PRO A 119 14.88 25.28 -18.46
CA PRO A 119 13.90 24.43 -17.78
C PRO A 119 14.54 23.50 -16.73
N LEU A 120 13.96 23.47 -15.53
CA LEU A 120 14.46 22.61 -14.46
C LEU A 120 13.62 21.36 -14.27
N LEU A 121 14.27 20.21 -14.35
CA LEU A 121 13.64 18.95 -14.04
C LEU A 121 14.27 18.40 -12.78
N LEU A 122 13.49 18.45 -11.69
CA LEU A 122 13.94 17.98 -10.39
C LEU A 122 13.34 16.63 -10.07
N ILE A 123 14.20 15.65 -9.81
CA ILE A 123 13.77 14.33 -9.37
C ILE A 123 13.41 14.36 -7.89
N THR A 124 12.20 13.91 -7.54
CA THR A 124 11.72 13.98 -6.17
C THR A 124 11.65 12.61 -5.47
N HIS A 125 11.65 12.66 -4.15
CA HIS A 125 11.57 11.45 -3.33
C HIS A 125 10.17 11.30 -2.77
N HIS A 126 9.74 10.06 -2.55
CA HIS A 126 8.37 9.80 -2.12
C HIS A 126 8.05 10.43 -0.78
N SER A 127 9.06 10.60 0.06
CA SER A 127 8.86 11.10 1.40
C SER A 127 8.63 12.61 1.48
N TRP A 128 8.84 13.31 0.36
CA TRP A 128 8.71 14.75 0.34
C TRP A 128 7.24 15.14 0.42
N SER A 129 6.89 15.99 1.37
CA SER A 129 5.51 16.40 1.58
C SER A 129 5.04 17.38 0.51
N GLN A 130 3.74 17.63 0.52
CA GLN A 130 3.16 18.62 -0.38
C GLN A 130 3.70 19.99 -0.03
N SER A 131 3.89 20.22 1.26
CA SER A 131 4.48 21.45 1.74
C SER A 131 5.84 21.67 1.12
N ASP A 132 6.70 20.67 1.28
CA ASP A 132 8.05 20.67 0.70
C ASP A 132 7.99 21.01 -0.77
N LEU A 133 7.15 20.29 -1.52
CA LEU A 133 7.05 20.49 -2.95
C LEU A 133 6.60 21.90 -3.34
N GLU A 134 5.60 22.44 -2.63
CA GLU A 134 5.12 23.78 -2.91
C GLU A 134 6.18 24.83 -2.64
N ILE A 135 6.89 24.66 -1.53
CA ILE A 135 8.01 25.54 -1.19
C ILE A 135 9.10 25.48 -2.25
N ILE A 136 9.39 24.28 -2.73
CA ILE A 136 10.36 24.11 -3.81
C ILE A 136 9.91 24.88 -5.04
N THR A 137 8.62 24.79 -5.35
CA THR A 137 8.07 25.49 -6.52
C THR A 137 8.21 27.01 -6.38
N GLN A 138 7.79 27.53 -5.23
CA GLN A 138 7.86 28.96 -4.96
C GLN A 138 9.28 29.47 -4.97
N TYR A 139 10.23 28.66 -4.51
CA TYR A 139 11.61 29.11 -4.53
C TYR A 139 12.19 29.05 -5.94
N VAL A 140 11.76 28.05 -6.70
CA VAL A 140 12.20 27.90 -8.08
C VAL A 140 11.71 29.07 -8.95
N PHE A 141 10.49 29.53 -8.70
CA PHE A 141 9.96 30.63 -9.49
C PHE A 141 10.30 32.03 -8.94
N GLU A 142 9.91 32.30 -7.69
CA GLU A 142 10.08 33.65 -7.14
C GLU A 142 11.51 34.03 -6.75
N SER A 143 12.40 33.05 -6.64
CA SER A 143 13.77 33.36 -6.23
C SER A 143 14.78 33.03 -7.33
N LEU A 144 14.76 31.77 -7.78
CA LEU A 144 15.68 31.34 -8.83
C LEU A 144 15.28 31.94 -10.18
N GLU A 145 14.03 32.35 -10.29
CA GLU A 145 13.50 33.00 -11.49
C GLU A 145 13.71 32.18 -12.76
N ILE A 146 13.29 30.92 -12.75
CA ILE A 146 13.27 30.12 -13.96
C ILE A 146 11.84 29.84 -14.34
N ASN A 147 11.60 29.71 -15.64
CA ASN A 147 10.25 29.71 -16.20
C ASN A 147 9.57 28.35 -16.28
N ASN A 148 10.35 27.28 -16.35
CA ASN A 148 9.76 25.94 -16.52
C ASN A 148 10.23 24.96 -15.46
N LEU A 149 9.29 24.41 -14.71
CA LEU A 149 9.61 23.45 -13.67
C LEU A 149 8.93 22.11 -13.93
N ILE A 150 9.67 21.04 -13.69
CA ILE A 150 9.11 19.69 -13.75
C ILE A 150 9.52 18.95 -12.49
N GLN A 151 8.54 18.44 -11.74
CA GLN A 151 8.86 17.64 -10.56
C GLN A 151 8.52 16.19 -10.82
N LEU A 152 9.54 15.38 -11.02
CA LEU A 152 9.37 13.99 -11.45
C LEU A 152 9.78 12.99 -10.37
N PRO A 153 8.82 12.21 -9.85
CA PRO A 153 9.08 11.14 -8.89
C PRO A 153 10.15 10.18 -9.39
N ALA A 154 11.12 9.84 -8.54
CA ALA A 154 12.21 8.96 -8.92
C ALA A 154 11.69 7.63 -9.41
N SER A 155 10.67 7.11 -8.73
CA SER A 155 10.11 5.83 -9.08
C SER A 155 9.48 5.84 -10.46
N LEU A 156 8.86 6.95 -10.82
CA LEU A 156 8.24 7.05 -12.13
C LEU A 156 9.26 7.25 -13.23
N ALA A 157 10.34 7.97 -12.95
CA ALA A 157 11.45 8.09 -13.89
C ALA A 157 12.02 6.70 -14.17
N ALA A 158 12.36 6.01 -13.09
CA ALA A 158 12.87 4.63 -13.19
C ALA A 158 11.88 3.74 -13.97
N THR A 159 10.58 3.92 -13.73
CA THR A 159 9.56 3.17 -14.46
C THR A 159 9.62 3.45 -15.96
N TYR A 160 9.59 4.73 -16.34
CA TYR A 160 9.55 5.11 -17.75
C TYR A 160 10.82 4.67 -18.46
N SER A 161 11.92 4.53 -17.72
CA SER A 161 13.17 4.06 -18.31
C SER A 161 13.01 2.71 -18.98
N MET A 162 12.21 1.85 -18.36
CA MET A 162 11.93 0.53 -18.89
C MET A 162 10.53 0.54 -19.48
N ILE A 163 10.47 0.72 -20.78
CA ILE A 163 9.23 0.89 -21.51
C ILE A 163 8.27 -0.27 -21.28
N SER A 164 6.98 0.04 -21.24
CA SER A 164 5.93 -0.97 -21.20
C SER A 164 5.99 -1.86 -19.95
N LEU A 165 6.61 -1.36 -18.89
CA LEU A 165 6.64 -2.05 -17.60
C LEU A 165 5.65 -1.37 -16.67
N GLN A 166 4.52 -2.05 -16.43
CA GLN A 166 3.36 -1.42 -15.80
C GLN A 166 3.28 -1.69 -14.30
N ASN A 167 3.75 -2.85 -13.88
CA ASN A 167 3.66 -3.26 -12.49
C ASN A 167 4.96 -3.82 -11.97
N CYS A 169 8.08 -3.54 -8.34
CA CYS A 169 8.33 -3.14 -6.96
C CYS A 169 9.78 -2.82 -6.76
N ILE A 170 10.06 -1.58 -6.39
CA ILE A 170 11.42 -1.12 -6.22
C ILE A 170 11.87 -1.25 -4.78
N ILE A 171 12.84 -2.14 -4.56
CA ILE A 171 13.55 -2.26 -3.30
C ILE A 171 14.85 -1.50 -3.43
N ASP A 172 14.93 -0.33 -2.80
CA ASP A 172 16.11 0.53 -2.92
C ASP A 172 16.88 0.65 -1.60
N VAL A 173 18.02 -0.03 -1.52
CA VAL A 173 18.77 -0.08 -0.26
C VAL A 173 19.84 1.00 -0.15
N GLY A 174 19.64 1.92 0.78
CA GLY A 174 20.59 2.99 1.00
C GLY A 174 21.50 2.67 2.17
N THR A 175 22.19 3.69 2.66
CA THR A 175 23.14 3.51 3.75
C THR A 175 22.45 3.26 5.09
N HIS A 176 21.46 4.08 5.40
CA HIS A 176 20.77 4.00 6.69
C HIS A 176 19.34 3.49 6.56
N HIS A 177 18.85 3.39 5.35
CA HIS A 177 17.43 3.06 5.14
C HIS A 177 17.21 2.32 3.83
N THR A 178 16.11 1.57 3.80
CA THR A 178 15.70 0.89 2.58
C THR A 178 14.27 1.29 2.23
N ASP A 179 14.08 1.75 0.99
CA ASP A 179 12.77 2.15 0.51
C ASP A 179 12.12 0.99 -0.20
N ILE A 180 10.83 0.82 -0.01
CA ILE A 180 10.05 -0.17 -0.75
C ILE A 180 8.92 0.54 -1.46
N ILE A 181 8.98 0.55 -2.79
CA ILE A 181 8.08 1.35 -3.59
C ILE A 181 7.36 0.49 -4.61
N PRO A 182 6.15 0.02 -4.26
CA PRO A 182 5.34 -0.73 -5.20
C PRO A 182 4.68 0.18 -6.21
N ILE A 183 4.61 -0.27 -7.45
CA ILE A 183 4.04 0.50 -8.55
C ILE A 183 3.05 -0.38 -9.30
N VAL A 184 1.81 0.10 -9.38
CA VAL A 184 0.75 -0.62 -10.05
C VAL A 184 0.10 0.28 -11.10
N ASP A 185 -0.08 -0.23 -12.31
CA ASP A 185 -0.63 0.54 -13.42
C ASP A 185 0.07 1.89 -13.61
N TYR A 186 1.41 1.83 -13.72
CA TYR A 186 2.27 2.99 -13.96
C TYR A 186 2.24 4.03 -12.84
N ALA A 187 1.62 3.67 -11.72
CA ALA A 187 1.43 4.60 -10.62
C ALA A 187 2.07 4.13 -9.34
N GLN A 188 2.73 5.06 -8.65
CA GLN A 188 3.23 4.84 -7.31
C GLN A 188 2.08 4.74 -6.32
N LEU A 189 2.04 3.68 -5.55
CA LEU A 189 1.00 3.52 -4.53
C LEU A 189 1.42 4.13 -3.22
N ASP A 190 1.15 5.41 -3.04
CA ASP A 190 1.65 6.15 -1.90
C ASP A 190 1.31 5.53 -0.55
N HIS A 191 0.14 4.91 -0.45
CA HIS A 191 -0.31 4.37 0.83
C HIS A 191 0.39 3.07 1.21
N LEU A 192 1.03 2.43 0.23
CA LEU A 192 1.75 1.18 0.50
C LEU A 192 3.26 1.39 0.57
N VAL A 193 3.72 2.55 0.13
CA VAL A 193 5.15 2.86 0.14
C VAL A 193 5.65 3.09 1.56
N SER A 194 6.71 2.39 1.92
CA SER A 194 7.28 2.50 3.26
C SER A 194 8.79 2.38 3.21
N SER A 195 9.43 2.57 4.35
CA SER A 195 10.88 2.41 4.45
C SER A 195 11.24 1.71 5.75
N ILE A 196 12.39 1.04 5.79
CA ILE A 196 12.88 0.48 7.04
C ILE A 196 14.22 1.09 7.37
N PRO A 197 14.47 1.37 8.66
CA PRO A 197 15.71 1.98 9.11
C PRO A 197 16.90 1.01 9.11
N MET A 198 17.10 0.32 8.01
CA MET A 198 18.24 -0.56 7.85
C MET A 198 18.82 -0.42 6.46
N GLY A 199 20.10 -0.67 6.32
CA GLY A 199 20.75 -0.54 5.03
C GLY A 199 22.18 -1.01 5.10
N GLY A 200 23.03 -0.40 4.29
CA GLY A 200 24.44 -0.76 4.25
C GLY A 200 25.12 -0.71 5.61
N GLN A 201 24.72 0.25 6.45
CA GLN A 201 25.36 0.47 7.73
C GLN A 201 25.09 -0.67 8.70
N SER A 202 23.94 -1.31 8.53
CA SER A 202 23.56 -2.42 9.40
C SER A 202 24.45 -3.64 9.18
N ILE A 203 24.99 -3.76 7.96
CA ILE A 203 25.97 -4.78 7.64
C ILE A 203 27.23 -4.52 8.47
N ASN A 204 27.65 -3.25 8.50
CA ASN A 204 28.76 -2.83 9.34
C ASN A 204 28.48 -3.15 10.80
N ASP A 205 27.27 -2.89 11.27
CA ASP A 205 26.91 -3.15 12.66
C ASP A 205 27.02 -4.65 13.01
N SER A 206 26.41 -5.50 12.20
CA SER A 206 26.44 -6.94 12.47
C SER A 206 27.85 -7.51 12.30
N LEU A 207 28.63 -6.98 11.37
CA LEU A 207 30.02 -7.40 11.22
C LEU A 207 30.82 -7.00 12.46
N LYS A 208 30.51 -5.83 13.02
CA LYS A 208 31.12 -5.35 14.24
C LYS A 208 30.78 -6.27 15.40
N LYS A 209 29.55 -6.77 15.41
CA LYS A 209 29.16 -7.76 16.41
C LYS A 209 29.91 -9.07 16.19
N LEU A 210 30.27 -9.36 14.95
CA LEU A 210 31.02 -10.59 14.67
C LEU A 210 32.53 -10.45 14.82
N LEU A 211 33.01 -9.20 14.85
CA LEU A 211 34.44 -8.92 14.96
C LEU A 211 34.68 -7.75 15.89
N PRO A 212 34.39 -7.92 17.19
CA PRO A 212 34.38 -6.79 18.13
C PRO A 212 35.76 -6.15 18.34
N GLN A 213 36.79 -6.87 17.92
CA GLN A 213 38.15 -6.39 18.08
C GLN A 213 38.57 -5.45 16.97
N TRP A 214 38.15 -5.74 15.73
CA TRP A 214 38.50 -4.89 14.60
C TRP A 214 37.97 -3.48 14.83
N ASP A 215 38.57 -2.49 14.19
CA ASP A 215 38.01 -1.15 14.18
C ASP A 215 37.04 -0.99 13.01
N ASP A 216 36.41 0.18 12.92
CA ASP A 216 35.35 0.39 11.94
C ASP A 216 35.86 0.49 10.51
N ASP A 217 37.08 0.97 10.33
CA ASP A 217 37.64 1.15 9.00
C ASP A 217 38.05 -0.18 8.37
N GLN A 218 38.55 -1.11 9.17
CA GLN A 218 38.89 -2.42 8.67
C GLN A 218 37.63 -3.20 8.29
N ILE A 219 36.58 -3.04 9.10
CA ILE A 219 35.30 -3.67 8.82
C ILE A 219 34.71 -3.10 7.53
N GLU A 220 34.77 -1.78 7.41
CA GLU A 220 34.29 -1.11 6.21
C GLU A 220 35.06 -1.58 4.98
N SER A 221 36.38 -1.72 5.12
CA SER A 221 37.22 -2.22 4.03
C SER A 221 36.85 -3.64 3.68
N LEU A 222 36.48 -4.43 4.68
CA LEU A 222 36.05 -5.79 4.43
C LEU A 222 34.75 -5.81 3.63
N LYS A 223 33.84 -4.93 3.99
CA LYS A 223 32.55 -4.87 3.32
C LYS A 223 32.69 -4.44 1.86
N LYS A 224 33.73 -3.66 1.59
CA LYS A 224 33.96 -3.16 0.24
C LYS A 224 34.98 -3.98 -0.53
N SER A 225 35.51 -5.02 0.12
CA SER A 225 36.51 -5.88 -0.49
C SER A 225 35.89 -6.81 -1.53
N PRO A 226 36.69 -7.26 -2.50
CA PRO A 226 36.25 -8.22 -3.53
C PRO A 226 35.77 -9.56 -2.98
N ILE A 227 36.34 -10.01 -1.86
CA ILE A 227 36.06 -11.33 -1.30
C ILE A 227 34.78 -11.36 -0.45
N PHE A 228 34.18 -10.20 -0.26
CA PHE A 228 32.97 -10.08 0.52
C PHE A 228 31.77 -10.46 -0.35
N GLU A 229 31.16 -11.61 -0.06
CA GLU A 229 30.05 -12.10 -0.87
C GLU A 229 29.06 -12.96 -0.09
N VAL A 230 27.78 -12.83 -0.44
CA VAL A 230 26.74 -13.67 0.14
C VAL A 230 26.67 -14.98 -0.64
N LEU A 231 26.74 -16.09 0.09
CA LEU A 231 26.79 -17.38 -0.57
C LEU A 231 25.41 -17.97 -0.76
N SER A 232 25.22 -18.69 -1.86
CA SER A 232 23.97 -19.39 -2.08
C SER A 232 23.90 -20.57 -1.12
N ASP A 233 22.70 -21.11 -0.92
CA ASP A 233 22.56 -22.29 -0.07
C ASP A 233 23.28 -23.47 -0.73
N ASP A 234 23.50 -23.34 -2.05
CA ASP A 234 24.28 -24.32 -2.79
C ASP A 234 25.71 -24.14 -2.32
N ALA A 235 26.16 -22.89 -2.40
CA ALA A 235 27.53 -22.50 -2.08
C ALA A 235 27.85 -22.74 -0.60
N LYS A 236 26.86 -22.55 0.27
CA LYS A 236 27.01 -22.91 1.68
C LYS A 236 27.08 -24.41 1.91
N LYS A 237 26.21 -25.17 1.24
CA LYS A 237 26.15 -26.60 1.52
C LYS A 237 27.44 -27.25 1.00
N LEU A 238 27.89 -26.79 -0.17
CA LEU A 238 29.16 -27.23 -0.76
C LEU A 238 30.29 -26.65 0.08
N SER A 239 31.15 -27.52 0.61
CA SER A 239 32.14 -27.11 1.63
C SER A 239 31.25 -26.45 2.72
N SER A 240 31.66 -25.49 3.54
CA SER A 240 32.96 -25.23 4.18
C SER A 240 32.29 -24.59 5.35
N PHE A 241 32.88 -24.63 6.55
CA PHE A 241 32.27 -23.91 7.65
C PHE A 241 30.89 -24.55 7.92
N ASP A 242 30.08 -23.86 8.69
CA ASP A 242 28.74 -24.33 9.00
C ASP A 242 27.92 -23.21 9.60
N PHE A 243 27.07 -22.65 8.75
CA PHE A 243 26.22 -21.52 9.09
C PHE A 243 25.00 -22.02 9.88
N GLY A 244 24.49 -21.21 10.79
CA GLY A 244 23.34 -21.60 11.60
C GLY A 244 22.06 -20.89 11.20
N ASP A 251 26.60 -16.60 17.10
CA ASP A 251 27.93 -16.79 17.66
C ASP A 251 28.80 -15.54 17.48
N GLU A 252 30.04 -15.63 17.95
CA GLU A 252 31.05 -14.61 17.65
C GLU A 252 32.04 -15.14 16.62
N GLY A 253 32.51 -14.26 15.73
CA GLY A 253 33.46 -14.69 14.72
C GLY A 253 34.79 -15.07 15.34
N THR A 254 35.47 -14.05 15.88
CA THR A 254 36.71 -14.23 16.61
C THR A 254 36.80 -13.14 17.66
N LEU A 255 37.42 -13.46 18.77
CA LEU A 255 37.66 -12.47 19.82
C LEU A 255 39.08 -11.95 19.73
N ASN A 256 39.56 -11.79 18.50
CA ASN A 256 40.96 -11.49 18.24
C ASN A 256 41.13 -10.38 17.23
N VAL A 257 42.16 -9.56 17.41
CA VAL A 257 42.40 -8.42 16.53
C VAL A 257 42.52 -8.85 15.07
N ALA A 258 42.40 -7.88 14.17
CA ALA A 258 42.50 -8.14 12.73
C ALA A 258 43.86 -8.74 12.38
N GLU A 259 43.82 -9.91 11.74
CA GLU A 259 45.04 -10.60 11.34
C GLU A 259 45.72 -9.85 10.20
N ILE A 260 46.87 -9.24 10.49
CA ILE A 260 47.60 -8.51 9.45
C ILE A 260 48.71 -9.38 8.85
N ILE A 261 48.45 -9.92 7.65
CA ILE A 261 49.42 -10.77 6.97
C ILE A 261 50.57 -9.94 6.37
N THR A 262 50.23 -8.82 5.74
CA THR A 262 51.27 -7.94 5.18
C THR A 262 50.94 -6.47 5.53
N SER A 263 51.94 -5.59 5.48
CA SER A 263 51.74 -4.17 5.76
C SER A 263 52.90 -3.28 5.29
N GLY A 264 52.63 -1.99 5.13
CA GLY A 264 53.65 -1.05 4.69
C GLY A 264 53.56 0.26 5.45
N ARG A 265 54.69 0.96 5.56
CA ARG A 265 54.77 2.21 6.31
C ARG A 265 54.56 3.44 5.43
N ASN A 282 43.47 -17.36 -7.21
CA ASN A 282 42.56 -17.93 -8.20
C ASN A 282 42.03 -19.34 -7.87
N VAL A 283 41.03 -19.37 -6.99
CA VAL A 283 39.96 -20.37 -7.06
C VAL A 283 38.72 -19.73 -6.40
N LYS A 284 37.56 -20.38 -6.51
CA LYS A 284 36.34 -19.80 -5.97
C LYS A 284 36.53 -19.38 -4.52
N ASN A 285 36.24 -18.11 -4.25
CA ASN A 285 36.37 -17.56 -2.92
C ASN A 285 35.56 -18.38 -1.93
N SER A 286 34.43 -18.91 -2.40
CA SER A 286 33.52 -19.72 -1.59
C SER A 286 34.19 -20.98 -1.02
N ASP A 287 35.17 -21.50 -1.74
CA ASP A 287 35.75 -22.79 -1.39
C ASP A 287 36.91 -22.67 -0.40
N LEU A 288 37.56 -21.51 -0.36
CA LEU A 288 38.65 -21.29 0.60
C LEU A 288 38.09 -21.00 2.00
N GLU A 289 38.78 -21.52 3.02
CA GLU A 289 38.37 -21.22 4.38
C GLU A 289 38.81 -19.82 4.75
N PHE A 290 40.06 -19.48 4.49
CA PHE A 290 40.56 -18.13 4.76
C PHE A 290 40.82 -17.39 3.46
N ASN A 291 40.62 -16.07 3.46
CA ASN A 291 40.92 -15.27 2.29
C ASN A 291 41.51 -13.90 2.65
N THR A 292 42.04 -13.22 1.64
CA THR A 292 42.79 -12.00 1.83
C THR A 292 42.09 -10.76 1.26
N PHE A 293 42.27 -9.62 1.92
CA PHE A 293 41.79 -8.36 1.39
C PHE A 293 42.69 -7.21 1.85
N TRP A 294 42.65 -6.09 1.14
CA TRP A 294 43.52 -4.96 1.45
C TRP A 294 42.82 -3.78 2.11
N ASP A 295 43.51 -3.14 3.04
CA ASP A 295 42.98 -2.01 3.79
C ASP A 295 43.24 -0.72 3.04
N GLU A 296 42.73 0.38 3.57
CA GLU A 296 42.96 1.69 2.98
C GLU A 296 44.30 2.28 3.45
N LYS A 297 44.88 1.66 4.48
CA LYS A 297 46.20 2.06 4.98
C LYS A 297 47.30 1.17 4.41
N GLY A 298 46.94 0.33 3.45
CA GLY A 298 47.90 -0.57 2.83
C GLY A 298 48.21 -1.77 3.71
N ASN A 299 47.17 -2.39 4.26
CA ASN A 299 47.34 -3.61 5.04
C ASN A 299 46.70 -4.82 4.38
N GLU A 300 47.45 -5.90 4.26
CA GLU A 300 46.93 -7.17 3.79
C GLU A 300 46.43 -8.02 4.96
N ILE A 301 45.10 -8.16 5.02
CA ILE A 301 44.39 -8.80 6.13
C ILE A 301 43.73 -10.12 5.73
N LYS A 302 43.92 -11.13 6.57
CA LYS A 302 43.25 -12.42 6.41
C LYS A 302 41.91 -12.41 7.15
N VAL A 303 40.94 -13.15 6.62
CA VAL A 303 39.60 -13.19 7.19
C VAL A 303 38.91 -14.52 6.87
N GLY A 304 38.09 -14.99 7.81
CA GLY A 304 37.45 -16.28 7.72
C GLY A 304 36.02 -16.22 7.22
N LYS A 305 35.11 -16.83 7.97
CA LYS A 305 33.71 -16.97 7.58
C LYS A 305 32.98 -15.60 7.58
N GLN A 306 33.58 -14.61 8.25
CA GLN A 306 32.97 -13.29 8.38
C GLN A 306 32.76 -12.56 7.06
N ARG A 307 33.57 -12.87 6.06
CA ARG A 307 33.42 -12.29 4.72
C ARG A 307 32.18 -12.83 4.02
N PHE A 308 31.59 -13.87 4.60
CA PHE A 308 30.36 -14.45 4.09
C PHE A 308 29.16 -14.07 4.97
N GLN A 309 29.39 -13.27 6.00
CA GLN A 309 28.33 -12.93 6.93
C GLN A 309 28.05 -11.43 6.99
N GLY A 310 26.85 -11.07 7.46
CA GLY A 310 26.52 -9.69 7.71
C GLY A 310 25.26 -9.16 7.05
N ASN A 312 22.37 -11.08 6.51
CA ASN A 312 21.18 -11.89 6.76
C ASN A 312 20.04 -11.07 7.36
N ASN A 313 20.37 -10.25 8.35
CA ASN A 313 19.39 -9.44 9.05
C ASN A 313 18.69 -8.45 8.11
N LEU A 314 19.48 -7.69 7.37
CA LEU A 314 18.98 -6.73 6.39
C LEU A 314 18.03 -7.37 5.37
N ILE A 315 18.47 -8.43 4.70
CA ILE A 315 17.65 -9.09 3.69
C ILE A 315 16.40 -9.72 4.31
N LYS A 316 16.50 -10.21 5.55
CA LYS A 316 15.31 -10.78 6.20
C LYS A 316 14.27 -9.69 6.47
N ASN A 317 14.69 -8.58 7.07
CA ASN A 317 13.80 -7.44 7.31
C ASN A 317 13.16 -6.95 6.02
N ILE A 318 14.00 -6.73 5.02
CA ILE A 318 13.54 -6.30 3.72
C ILE A 318 12.48 -7.27 3.18
N SER A 319 12.77 -8.56 3.21
CA SER A 319 11.84 -9.56 2.73
C SER A 319 10.52 -9.50 3.51
N ASN A 320 10.57 -9.26 4.80
CA ASN A 320 9.35 -9.12 5.59
C ASN A 320 8.50 -7.96 5.10
N ARG A 321 9.10 -6.78 5.13
CA ARG A 321 8.37 -5.57 4.73
C ARG A 321 7.81 -5.70 3.31
N VAL A 322 8.61 -6.24 2.39
CA VAL A 322 8.14 -6.50 1.02
C VAL A 322 6.91 -7.41 1.05
N GLY A 323 7.02 -8.49 1.80
CA GLY A 323 5.93 -9.43 1.95
C GLY A 323 4.63 -8.78 2.39
N LEU A 324 4.68 -7.99 3.46
CA LEU A 324 3.46 -7.31 3.91
C LEU A 324 2.93 -6.34 2.86
N THR A 325 3.85 -5.55 2.32
CA THR A 325 3.54 -4.54 1.31
C THR A 325 2.78 -5.11 0.14
N LEU A 326 3.32 -6.16 -0.47
CA LEU A 326 2.66 -6.73 -1.63
C LEU A 326 1.44 -7.51 -1.22
N ASP A 327 1.45 -8.07 0.00
CA ASP A 327 0.26 -8.71 0.55
C ASP A 327 -0.94 -7.77 0.63
N ASN A 328 -0.68 -6.48 0.76
CA ASN A 328 -1.79 -5.51 0.82
C ASN A 328 -2.19 -4.86 -0.52
N ILE A 329 -1.67 -5.37 -1.62
CA ILE A 329 -2.16 -4.92 -2.92
C ILE A 329 -3.53 -5.53 -3.17
N ASP A 330 -4.53 -4.69 -3.41
CA ASP A 330 -5.93 -5.12 -3.49
C ASP A 330 -6.28 -6.07 -4.65
N ASP A 331 -5.85 -5.74 -5.86
CA ASP A 331 -6.16 -6.62 -6.98
C ASP A 331 -5.11 -7.72 -7.12
N ILE A 332 -5.59 -8.95 -7.10
CA ILE A 332 -4.74 -10.14 -7.14
C ILE A 332 -3.82 -10.20 -8.37
N ASN A 333 -4.33 -9.86 -9.53
CA ASN A 333 -3.54 -9.99 -10.76
C ASN A 333 -2.45 -8.94 -10.87
N LYS A 334 -2.77 -7.75 -10.41
CA LYS A 334 -1.81 -6.68 -10.35
C LYS A 334 -0.68 -7.05 -9.38
N ALA A 335 -1.04 -7.64 -8.25
CA ALA A 335 -0.06 -8.12 -7.28
C ALA A 335 0.82 -9.19 -7.89
N LYS A 336 0.22 -10.11 -8.64
CA LYS A 336 0.98 -11.15 -9.32
C LYS A 336 2.00 -10.54 -10.26
N ALA A 337 1.55 -9.58 -11.05
CA ALA A 337 2.44 -8.87 -11.96
C ALA A 337 3.59 -8.24 -11.21
N VAL A 338 3.28 -7.58 -10.09
CA VAL A 338 4.31 -6.92 -9.29
C VAL A 338 5.32 -7.92 -8.77
N TRP A 339 4.85 -9.05 -8.29
CA TRP A 339 5.74 -10.11 -7.83
C TRP A 339 6.65 -10.62 -8.94
N GLU A 340 6.14 -10.61 -10.18
CA GLU A 340 6.95 -11.09 -11.31
C GLU A 340 8.02 -10.08 -11.75
N ASN A 341 7.95 -8.86 -11.21
CA ASN A 341 8.88 -7.80 -11.58
C ASN A 341 9.46 -7.08 -10.37
N ILE A 342 10.51 -7.65 -9.80
CA ILE A 342 11.15 -7.08 -8.62
C ILE A 342 12.43 -6.34 -9.00
N ILE A 343 12.53 -5.08 -8.60
CA ILE A 343 13.71 -4.29 -8.89
C ILE A 343 14.56 -4.12 -7.65
N ILE A 344 15.78 -4.63 -7.64
CA ILE A 344 16.65 -4.42 -6.49
C ILE A 344 17.78 -3.45 -6.82
N VAL A 345 17.74 -2.26 -6.23
CA VAL A 345 18.77 -1.27 -6.47
C VAL A 345 19.36 -0.73 -5.17
N GLY A 346 20.37 0.13 -5.30
CA GLY A 346 21.06 0.68 -4.15
C GLY A 346 22.49 0.21 -4.12
N GLY A 347 23.38 1.07 -3.62
CA GLY A 347 24.80 0.77 -3.61
C GLY A 347 25.10 -0.57 -2.95
N THR A 348 24.52 -0.78 -1.77
CA THR A 348 24.74 -2.01 -1.01
C THR A 348 24.49 -3.25 -1.85
N THR A 349 23.56 -3.17 -2.79
CA THR A 349 23.17 -4.33 -3.56
C THR A 349 24.23 -4.77 -4.59
N SER A 350 25.25 -3.95 -4.77
CA SER A 350 26.32 -4.31 -5.70
C SER A 350 27.27 -5.31 -5.07
N ILE A 351 27.11 -5.57 -3.77
CA ILE A 351 27.86 -6.64 -3.12
C ILE A 351 27.58 -7.97 -3.80
N SER A 352 28.64 -8.70 -4.10
CA SER A 352 28.53 -9.97 -4.79
C SER A 352 27.58 -10.94 -4.09
N GLY A 353 26.61 -11.44 -4.84
CA GLY A 353 25.68 -12.44 -4.33
C GLY A 353 24.53 -11.90 -3.50
N PHE A 354 24.40 -10.58 -3.45
CA PHE A 354 23.36 -9.96 -2.63
C PHE A 354 21.97 -10.12 -3.26
N LYS A 355 21.79 -9.62 -4.49
CA LYS A 355 20.49 -9.69 -5.16
C LYS A 355 19.92 -11.10 -5.24
N GLU A 356 20.79 -12.06 -5.52
CA GLU A 356 20.39 -13.45 -5.61
C GLU A 356 19.89 -13.95 -4.24
N ALA A 357 20.51 -13.44 -3.18
CA ALA A 357 20.15 -13.82 -1.82
C ALA A 357 18.84 -13.18 -1.36
N LEU A 358 18.61 -11.95 -1.80
CA LEU A 358 17.37 -11.28 -1.47
C LEU A 358 16.22 -11.93 -2.23
N LEU A 359 16.42 -12.24 -3.50
CA LEU A 359 15.42 -12.98 -4.27
C LEU A 359 15.15 -14.33 -3.65
N GLY A 360 16.22 -14.99 -3.24
CA GLY A 360 16.13 -16.29 -2.62
C GLY A 360 15.32 -16.24 -1.35
N GLN A 361 15.51 -15.19 -0.57
CA GLN A 361 14.78 -15.01 0.69
C GLN A 361 13.32 -14.70 0.40
N LEU A 362 13.08 -13.94 -0.68
CA LEU A 362 11.72 -13.65 -1.07
C LEU A 362 10.98 -14.92 -1.43
N LEU A 363 11.64 -15.81 -2.16
CA LEU A 363 11.05 -17.11 -2.50
C LEU A 363 10.85 -17.95 -1.25
N LYS A 364 11.90 -18.07 -0.43
CA LYS A 364 11.86 -18.85 0.79
C LYS A 364 10.67 -18.45 1.67
N ASP A 365 10.50 -17.15 1.88
CA ASP A 365 9.43 -16.65 2.73
C ASP A 365 8.06 -16.65 2.06
N HIS A 366 7.98 -16.14 0.84
CA HIS A 366 6.68 -15.75 0.29
C HIS A 366 6.11 -16.59 -0.85
N LEU A 367 6.91 -17.45 -1.45
CA LEU A 367 6.44 -18.21 -2.60
C LEU A 367 5.38 -19.22 -2.22
N ILE A 368 4.29 -19.23 -2.98
CA ILE A 368 3.22 -20.20 -2.78
C ILE A 368 3.53 -21.49 -3.54
N ILE A 369 3.89 -22.54 -2.81
CA ILE A 369 4.28 -23.81 -3.42
C ILE A 369 4.03 -24.95 -2.45
N GLU A 370 3.65 -26.10 -2.99
CA GLU A 370 3.35 -27.28 -2.19
C GLU A 370 4.50 -27.63 -1.26
N PRO A 371 4.19 -27.83 0.03
CA PRO A 371 5.16 -28.26 1.04
C PRO A 371 5.90 -29.51 0.60
N GLU A 372 7.23 -29.54 0.74
CA GLU A 372 8.02 -30.67 0.25
C GLU A 372 7.59 -32.02 0.82
N GLU A 373 7.17 -32.03 2.07
CA GLU A 373 6.74 -33.28 2.69
C GLU A 373 5.48 -33.84 2.03
N GLU A 374 4.49 -32.98 1.80
CA GLU A 374 3.25 -33.37 1.14
C GLU A 374 3.50 -33.89 -0.27
N LYS A 375 4.30 -33.13 -1.02
CA LYS A 375 4.63 -33.49 -2.38
C LYS A 375 5.34 -34.82 -2.43
N SER A 376 6.25 -35.05 -1.49
CA SER A 376 6.96 -36.32 -1.44
C SER A 376 6.03 -37.47 -1.08
N LYS A 377 5.07 -37.21 -0.21
CA LYS A 377 4.07 -38.21 0.13
C LYS A 377 3.28 -38.62 -1.10
N ARG A 378 2.82 -37.63 -1.86
CA ARG A 378 2.05 -37.88 -3.07
C ARG A 378 2.90 -38.61 -4.11
N GLU A 379 4.18 -38.26 -4.19
CA GLU A 379 5.08 -38.92 -5.13
C GLU A 379 5.30 -40.40 -4.78
N GLU A 380 5.49 -40.67 -3.49
CA GLU A 380 5.70 -42.04 -3.05
C GLU A 380 4.42 -42.87 -3.26
N GLU A 381 3.30 -42.31 -2.82
CA GLU A 381 2.02 -42.97 -2.96
C GLU A 381 1.73 -43.28 -4.42
N ALA A 382 2.04 -42.33 -5.30
CA ALA A 382 1.87 -42.55 -6.73
C ALA A 382 2.80 -43.64 -7.23
N LYS A 383 4.04 -43.63 -6.75
CA LYS A 383 5.01 -44.62 -7.19
C LYS A 383 4.71 -46.02 -6.68
N SER A 384 3.79 -46.14 -5.73
CA SER A 384 3.38 -47.45 -5.22
C SER A 384 2.87 -48.41 -6.31
N VAL A 385 2.40 -47.86 -7.41
CA VAL A 385 1.80 -48.67 -8.48
C VAL A 385 2.88 -49.37 -9.32
N LEU A 386 4.07 -48.80 -9.34
CA LEU A 386 5.21 -49.39 -10.08
C LEU A 386 5.68 -50.71 -9.45
N PRO A 387 6.17 -51.65 -10.29
CA PRO A 387 6.79 -52.87 -9.80
C PRO A 387 7.95 -52.57 -8.87
N ALA A 388 8.05 -53.33 -7.78
CA ALA A 388 8.99 -53.10 -6.69
C ALA A 388 10.45 -52.88 -7.13
N ALA A 389 10.81 -53.39 -8.31
CA ALA A 389 12.17 -53.24 -8.80
C ALA A 389 12.35 -52.02 -9.70
N THR A 390 11.25 -51.45 -10.16
CA THR A 390 11.27 -50.14 -10.79
C THR A 390 11.27 -49.10 -9.69
N LYS A 391 10.49 -49.36 -8.64
CA LYS A 391 10.51 -48.56 -7.42
C LYS A 391 11.90 -48.57 -6.83
N LYS A 392 12.57 -49.72 -6.96
CA LYS A 392 13.92 -49.92 -6.46
C LYS A 392 14.91 -49.00 -7.16
N LYS A 393 14.78 -48.91 -8.49
CA LYS A 393 15.71 -48.12 -9.28
C LYS A 393 15.34 -46.63 -9.23
N SER A 394 14.14 -46.33 -8.75
CA SER A 394 13.69 -44.95 -8.66
C SER A 394 14.10 -44.28 -7.34
N LYS A 395 14.58 -45.10 -6.42
CA LYS A 395 14.82 -44.64 -5.04
C LYS A 395 16.05 -43.75 -4.92
N PHE A 396 17.13 -44.13 -5.59
CA PHE A 396 18.41 -43.43 -5.44
C PHE A 396 18.72 -42.51 -6.60
N MET A 397 17.73 -42.31 -7.47
CA MET A 397 17.85 -41.33 -8.54
C MET A 397 17.83 -39.90 -8.00
N THR A 398 18.28 -38.96 -8.82
CA THR A 398 18.08 -37.56 -8.54
C THR A 398 16.64 -37.29 -8.99
N ASN A 399 15.79 -36.84 -8.06
CA ASN A 399 14.38 -36.74 -8.38
C ASN A 399 14.12 -35.64 -9.42
N SER A 400 13.23 -35.95 -10.35
CA SER A 400 12.88 -35.06 -11.43
C SER A 400 11.93 -33.94 -11.01
N THR A 401 11.63 -33.84 -9.71
CA THR A 401 10.77 -32.78 -9.16
C THR A 401 9.45 -32.91 -9.95
N ALA A 402 9.16 -34.15 -10.33
CA ALA A 402 8.10 -34.55 -11.25
C ALA A 402 6.95 -35.20 -10.44
N PHE A 403 6.63 -36.49 -10.64
CA PHE A 403 5.84 -37.04 -11.75
C PHE A 403 4.44 -36.46 -11.77
N VAL A 404 3.79 -36.46 -10.62
CA VAL A 404 2.36 -36.26 -10.56
C VAL A 404 1.99 -34.78 -10.55
N PRO A 405 0.74 -34.45 -10.92
CA PRO A 405 0.39 -33.04 -11.15
C PRO A 405 0.67 -32.16 -9.94
N THR A 406 1.22 -30.98 -10.20
CA THR A 406 1.48 -30.03 -9.14
C THR A 406 0.15 -29.53 -8.54
N ILE A 407 0.19 -29.16 -7.26
CA ILE A 407 -0.98 -28.67 -6.56
C ILE A 407 -1.15 -27.18 -6.85
N GLU A 408 -2.27 -26.79 -7.44
CA GLU A 408 -2.49 -25.36 -7.71
C GLU A 408 -3.28 -24.68 -6.59
N TYR A 409 -2.83 -23.50 -6.20
CA TYR A 409 -3.41 -22.81 -5.06
C TYR A 409 -4.14 -21.57 -5.53
N VAL A 410 -4.89 -20.95 -4.64
CA VAL A 410 -5.74 -19.83 -5.01
C VAL A 410 -5.10 -18.51 -4.59
N GLN A 411 -3.78 -18.53 -4.43
CA GLN A 411 -3.04 -17.35 -3.97
C GLN A 411 -1.82 -17.08 -4.82
N PRO A 413 2.21 -15.12 -4.48
CA PRO A 413 2.83 -15.48 -5.77
C PRO A 413 3.15 -16.94 -5.93
N THR A 414 2.94 -17.47 -7.12
CA THR A 414 3.44 -18.80 -7.45
C THR A 414 4.72 -18.60 -8.25
N VAL A 415 4.98 -17.33 -8.55
CA VAL A 415 6.15 -16.95 -9.32
C VAL A 415 6.71 -15.64 -8.78
N ILE A 416 7.99 -15.64 -8.43
CA ILE A 416 8.66 -14.43 -8.01
C ILE A 416 9.93 -14.26 -8.83
N LYS A 417 9.97 -13.25 -9.67
CA LYS A 417 11.12 -13.00 -10.52
C LYS A 417 11.61 -11.58 -10.37
N LEU A 418 12.91 -11.38 -10.48
CA LEU A 418 13.43 -10.02 -10.61
C LEU A 418 13.04 -9.51 -11.99
N ALA A 419 12.69 -8.24 -12.09
CA ALA A 419 12.34 -7.65 -13.38
C ALA A 419 13.58 -7.62 -14.25
N LYS A 420 13.47 -8.13 -15.46
CA LYS A 420 14.57 -8.16 -16.39
C LYS A 420 14.77 -6.79 -17.04
N TYR A 421 15.99 -6.28 -17.00
CA TYR A 421 16.31 -5.01 -17.65
C TYR A 421 16.36 -5.16 -19.16
N PRO A 422 15.93 -4.12 -19.89
CA PRO A 422 16.00 -4.12 -21.35
C PRO A 422 17.45 -4.05 -21.88
N ASP A 423 17.60 -4.17 -23.20
CA ASP A 423 18.91 -4.25 -23.86
C ASP A 423 19.81 -3.01 -23.71
N TYR A 424 19.21 -1.82 -23.69
CA TYR A 424 19.98 -0.58 -23.88
C TYR A 424 20.38 0.09 -22.56
N PHE A 425 21.29 -0.53 -21.82
CA PHE A 425 21.83 0.11 -20.62
C PHE A 425 23.33 0.50 -20.56
N PRO A 426 24.22 -0.11 -21.38
CA PRO A 426 25.66 -0.15 -21.05
C PRO A 426 26.29 1.20 -20.61
N GLU A 427 26.99 1.21 -19.47
CA GLU A 427 27.15 0.03 -18.63
C GLU A 427 27.20 0.40 -17.14
N TRP A 428 28.29 1.09 -16.77
CA TRP A 428 28.53 1.53 -15.39
C TRP A 428 27.41 2.46 -14.89
N LYS A 429 27.09 2.39 -13.60
CA LYS A 429 27.71 1.44 -12.68
C LYS A 429 26.73 0.36 -12.23
N LYS A 430 26.95 -0.87 -12.71
CA LYS A 430 26.09 -2.02 -12.42
C LYS A 430 24.64 -1.78 -12.88
N SER A 431 24.48 -0.87 -13.84
CA SER A 431 23.17 -0.40 -14.31
C SER A 431 22.25 -0.11 -13.11
N GLY A 432 22.66 0.87 -12.29
CA GLY A 432 22.00 1.15 -11.03
C GLY A 432 20.73 2.00 -11.10
N TYR A 433 20.37 2.57 -9.96
CA TYR A 433 19.17 3.39 -9.85
C TYR A 433 19.34 4.72 -10.55
N SER A 434 20.53 5.30 -10.40
CA SER A 434 20.85 6.59 -11.01
C SER A 434 20.69 6.55 -12.51
N GLU A 435 21.22 5.49 -13.10
CA GLU A 435 21.22 5.33 -14.55
C GLU A 435 19.80 5.28 -15.10
N ILE A 436 18.96 4.44 -14.51
CA ILE A 436 17.60 4.28 -14.99
C ILE A 436 16.76 5.51 -14.70
N ILE A 437 17.03 6.17 -13.59
CA ILE A 437 16.32 7.39 -13.27
C ILE A 437 16.62 8.48 -14.31
N PHE A 438 17.90 8.63 -14.64
CA PHE A 438 18.27 9.61 -15.66
C PHE A 438 17.78 9.23 -17.05
N LEU A 439 17.80 7.94 -17.36
CA LEU A 439 17.24 7.49 -18.63
C LEU A 439 15.76 7.84 -18.74
N GLY A 440 14.99 7.52 -17.70
CA GLY A 440 13.59 7.85 -17.65
C GLY A 440 13.31 9.34 -17.73
N ALA A 441 14.13 10.12 -17.03
CA ALA A 441 13.97 11.57 -17.03
C ALA A 441 14.23 12.10 -18.44
N GLN A 442 15.19 11.51 -19.12
CA GLN A 442 15.50 11.88 -20.50
C GLN A 442 14.33 11.53 -21.43
N ILE A 443 13.76 10.34 -21.25
CA ILE A 443 12.58 9.93 -21.99
C ILE A 443 11.43 10.91 -21.81
N VAL A 444 11.17 11.31 -20.56
CA VAL A 444 10.15 12.31 -20.25
C VAL A 444 10.46 13.63 -20.97
N SER A 445 11.71 14.07 -20.87
CA SER A 445 12.16 15.29 -21.54
C SER A 445 11.81 15.29 -23.01
N LYS A 446 12.27 14.26 -23.71
CA LYS A 446 11.97 14.10 -25.13
C LYS A 446 10.47 14.09 -25.36
N GLN A 447 9.74 13.41 -24.48
CA GLN A 447 8.29 13.30 -24.63
C GLN A 447 7.59 14.64 -24.56
N ILE A 448 8.10 15.55 -23.74
CA ILE A 448 7.45 16.86 -23.62
C ILE A 448 7.96 17.88 -24.61
N PHE A 449 9.18 17.70 -25.12
CA PHE A 449 9.68 18.58 -26.18
C PHE A 449 8.98 18.31 -27.50
N THR A 450 8.83 17.04 -27.86
CA THR A 450 8.20 16.66 -29.14
C THR A 450 6.68 16.80 -29.13
N HIS A 451 6.11 17.21 -27.99
CA HIS A 451 4.67 17.44 -27.89
C HIS A 451 4.37 18.86 -27.48
N PRO A 452 4.59 19.83 -28.40
CA PRO A 452 4.39 21.24 -28.04
C PRO A 452 2.92 21.55 -27.77
N LYS A 453 2.04 20.73 -28.32
CA LYS A 453 0.60 20.93 -28.20
C LYS A 453 0.16 20.82 -26.76
N ASP A 454 0.87 19.99 -26.01
CA ASP A 454 0.59 19.79 -24.59
C ASP A 454 1.61 20.52 -23.75
N THR A 455 1.16 21.10 -22.65
CA THR A 455 2.09 21.66 -21.69
C THR A 455 2.01 20.80 -20.42
N PHE A 456 3.05 20.01 -20.17
CA PHE A 456 2.97 19.08 -19.07
C PHE A 456 4.08 19.36 -18.05
N TYR A 457 4.11 20.61 -17.59
CA TYR A 457 5.08 21.10 -16.63
C TYR A 457 4.59 22.42 -16.06
N ILE A 458 5.31 22.96 -15.10
CA ILE A 458 4.88 24.21 -14.50
C ILE A 458 5.50 25.37 -15.25
N THR A 459 4.66 26.29 -15.71
CA THR A 459 5.12 27.45 -16.46
C THR A 459 4.98 28.71 -15.62
N ARG A 460 5.78 29.73 -15.94
CA ARG A 460 5.76 30.99 -15.22
C ARG A 460 4.38 31.66 -15.30
N GLU A 461 3.72 31.50 -16.44
CA GLU A 461 2.37 32.02 -16.59
C GLU A 461 1.44 31.37 -15.57
N LYS A 462 1.40 30.04 -15.60
CA LYS A 462 0.50 29.29 -14.74
C LYS A 462 0.84 29.46 -13.25
N TYR A 463 2.12 29.65 -12.96
CA TYR A 463 2.53 29.94 -11.59
C TYR A 463 2.03 31.31 -11.14
N ASN A 464 2.06 32.27 -12.06
CA ASN A 464 1.52 33.60 -11.78
C ASN A 464 0.01 33.54 -11.55
N MET A 465 -0.67 32.66 -12.28
CA MET A 465 -2.12 32.54 -12.14
C MET A 465 -2.57 31.83 -10.85
N LYS A 466 -2.06 30.61 -10.62
CA LYS A 466 -2.57 29.80 -9.50
C LYS A 466 -1.65 29.77 -8.28
N GLY A 467 -0.47 30.37 -8.38
CA GLY A 467 0.52 30.28 -7.32
C GLY A 467 1.26 28.95 -7.32
N PRO A 468 1.85 28.57 -6.17
CA PRO A 468 2.56 27.30 -6.05
C PRO A 468 1.64 26.09 -6.21
N ALA A 469 0.34 26.32 -6.09
CA ALA A 469 -0.63 25.23 -6.21
C ALA A 469 -0.80 24.83 -7.68
N ALA A 470 -0.11 25.53 -8.57
CA ALA A 470 -0.11 25.17 -9.98
C ALA A 470 0.60 23.84 -10.21
N LEU A 471 1.34 23.41 -9.20
CA LEU A 471 2.08 22.16 -9.25
C LEU A 471 1.15 20.95 -9.42
N TRP A 472 -0.03 21.03 -8.83
CA TRP A 472 -0.89 19.87 -8.72
C TRP A 472 -1.74 19.63 -9.97
N ASP A 473 -1.67 20.54 -10.93
CA ASP A 473 -2.39 20.35 -12.19
C ASP A 473 -1.57 19.50 -13.15
N VAL A 474 -0.31 19.28 -12.80
CA VAL A 474 0.62 18.52 -13.63
C VAL A 474 1.27 17.41 -12.80
N GLN A 475 0.62 16.25 -12.78
CA GLN A 475 1.10 15.14 -11.96
C GLN A 475 1.37 13.89 -12.80
N PHE A 476 2.42 13.15 -12.44
CA PHE A 476 2.70 11.88 -13.09
C PHE A 476 1.98 10.72 -12.39
N ASN B 4 -9.09 27.10 0.34
CA ASN B 4 -9.46 27.14 -1.07
C ASN B 4 -8.62 26.25 -1.98
N ARG B 5 -7.34 26.08 -1.67
CA ARG B 5 -6.43 25.34 -2.54
C ARG B 5 -6.62 23.84 -2.44
N LYS B 6 -6.68 23.34 -1.20
CA LYS B 6 -6.85 21.91 -0.99
C LYS B 6 -7.47 21.64 0.39
N VAL B 8 -8.00 18.74 3.62
CA VAL B 8 -7.54 17.48 4.19
C VAL B 8 -8.74 16.54 4.30
N VAL B 9 -8.65 15.36 3.72
CA VAL B 9 -9.79 14.45 3.73
C VAL B 9 -9.50 13.19 4.52
N ILE B 10 -10.35 12.94 5.52
CA ILE B 10 -10.18 11.84 6.45
C ILE B 10 -11.47 11.05 6.63
N HIS B 11 -11.40 9.74 6.43
CA HIS B 11 -12.55 8.85 6.60
C HIS B 11 -12.23 7.77 7.62
N ASN B 12 -12.95 7.77 8.73
CA ASN B 12 -12.77 6.76 9.78
C ASN B 12 -13.82 5.65 9.71
N GLY B 13 -13.46 4.54 9.09
CA GLY B 13 -14.33 3.39 8.99
C GLY B 13 -14.22 2.47 10.19
N SER B 14 -15.03 1.42 10.21
CA SER B 14 -14.99 0.42 11.27
C SER B 14 -13.79 -0.50 11.10
N HIS B 15 -13.12 -0.38 9.97
CA HIS B 15 -11.98 -1.22 9.64
C HIS B 15 -10.81 -0.39 9.17
N ARG B 16 -11.08 0.48 8.19
CA ARG B 16 -10.08 1.32 7.54
C ARG B 16 -10.15 2.78 7.98
N THR B 17 -9.01 3.44 7.98
CA THR B 17 -8.95 4.88 8.06
C THR B 17 -8.21 5.38 6.83
N VAL B 18 -8.87 6.22 6.04
CA VAL B 18 -8.25 6.71 4.81
C VAL B 18 -7.99 8.22 4.92
N ALA B 19 -6.77 8.65 4.61
CA ALA B 19 -6.44 10.05 4.78
C ALA B 19 -5.58 10.60 3.64
N GLY B 20 -5.78 11.87 3.31
CA GLY B 20 -4.95 12.47 2.29
C GLY B 20 -5.49 13.79 1.81
N PHE B 21 -4.71 14.50 1.00
CA PHE B 21 -5.13 15.79 0.47
C PHE B 21 -6.14 15.61 -0.68
N SER B 22 -7.05 16.57 -0.80
CA SER B 22 -8.12 16.51 -1.80
C SER B 22 -7.65 16.77 -3.22
N ASN B 23 -6.37 17.09 -3.38
CA ASN B 23 -5.84 17.43 -4.70
C ASN B 23 -5.14 16.26 -5.39
N VAL B 24 -5.28 15.07 -4.83
CA VAL B 24 -4.75 13.87 -5.46
C VAL B 24 -5.78 12.75 -5.40
N GLU B 25 -5.93 12.00 -6.47
CA GLU B 25 -6.94 10.94 -6.53
C GLU B 25 -6.68 9.78 -5.57
N LEU B 26 -5.43 9.37 -5.45
CA LEU B 26 -5.05 8.29 -4.54
C LEU B 26 -4.76 8.82 -3.14
N PRO B 27 -5.29 8.13 -2.12
CA PRO B 27 -5.09 8.55 -0.75
C PRO B 27 -3.64 8.44 -0.33
N GLN B 28 -3.25 9.28 0.62
CA GLN B 28 -1.89 9.29 1.15
C GLN B 28 -1.69 8.12 2.12
N ILE B 30 -3.75 4.62 3.99
CA ILE B 30 -4.86 3.75 4.36
C ILE B 30 -4.38 2.85 5.49
N ILE B 31 -4.79 3.14 6.71
CA ILE B 31 -4.32 2.38 7.87
C ILE B 31 -5.48 1.64 8.55
N PRO B 32 -5.18 0.66 9.41
CA PRO B 32 -6.28 0.04 10.15
C PRO B 32 -6.90 0.98 11.19
N SER B 33 -8.22 0.91 11.35
CA SER B 33 -8.87 1.71 12.36
C SER B 33 -8.46 1.29 13.76
N SER B 34 -8.20 -0.01 13.91
CA SER B 34 -7.63 -0.54 15.14
C SER B 34 -6.22 0.02 15.33
N TYR B 35 -5.77 0.04 16.58
CA TYR B 35 -4.44 0.53 16.89
C TYR B 35 -3.89 -0.26 18.07
N ILE B 36 -2.58 -0.19 18.26
CA ILE B 36 -2.01 -0.85 19.43
C ILE B 36 -1.61 0.17 20.48
N LYS B 37 -2.06 -0.03 21.72
CA LYS B 37 -1.62 0.80 22.82
C LYS B 37 -0.57 0.01 23.60
N ARG B 38 0.59 0.65 23.77
CA ARG B 38 1.72 0.01 24.41
C ARG B 38 2.15 0.78 25.63
N THR B 39 1.90 0.19 26.80
CA THR B 39 2.43 0.72 28.05
C THR B 39 3.87 0.21 28.18
N ASP B 40 4.82 1.14 28.08
CA ASP B 40 6.22 0.77 27.94
C ASP B 40 6.92 0.53 29.28
N GLU B 41 8.20 0.13 29.21
CA GLU B 41 9.05 0.06 30.40
C GLU B 41 9.84 1.37 30.50
N GLY B 42 9.59 2.26 29.53
CA GLY B 42 10.16 3.59 29.54
C GLY B 42 9.34 4.54 30.41
N GLY B 43 8.08 4.16 30.64
CA GLY B 43 7.19 4.91 31.50
C GLY B 43 6.15 5.73 30.77
N GLU B 44 6.14 5.62 29.45
CA GLU B 44 5.20 6.38 28.62
C GLU B 44 4.24 5.47 27.82
N ALA B 45 3.03 5.98 27.59
CA ALA B 45 2.05 5.28 26.76
C ALA B 45 2.27 5.62 25.29
N GLU B 46 2.58 4.60 24.50
CA GLU B 46 2.86 4.78 23.07
C GLU B 46 1.71 4.25 22.24
N PHE B 47 1.31 5.02 21.23
CA PHE B 47 0.31 4.57 20.28
C PHE B 47 0.97 4.08 18.99
N ILE B 48 0.50 2.96 18.46
CA ILE B 48 1.06 2.37 17.24
C ILE B 48 -0.02 2.14 16.17
N PHE B 49 0.07 2.92 15.09
CA PHE B 49 -0.90 2.90 14.00
C PHE B 49 -0.28 2.36 12.73
N GLY B 50 -1.10 1.80 11.84
CA GLY B 50 -0.56 1.29 10.60
C GLY B 50 -0.50 -0.22 10.52
N THR B 51 -0.77 -0.81 9.36
CA THR B 51 -0.71 -2.26 9.29
C THR B 51 0.73 -2.65 9.60
N TYR B 52 1.71 -1.96 9.03
CA TYR B 52 3.11 -2.26 9.35
C TYR B 52 3.20 -1.58 10.70
N ASN B 53 4.29 -1.74 11.43
CA ASN B 53 4.41 -1.15 12.75
C ASN B 53 3.57 -1.92 13.76
N MET B 54 2.28 -2.01 13.49
CA MET B 54 1.38 -2.83 14.32
C MET B 54 1.75 -4.29 14.16
N ILE B 55 2.02 -4.73 12.93
CA ILE B 55 2.47 -6.10 12.67
C ILE B 55 3.84 -6.35 13.26
N ASP B 56 4.75 -5.39 13.14
CA ASP B 56 6.10 -5.56 13.68
C ASP B 56 6.01 -5.69 15.22
N ALA B 57 5.15 -4.86 15.80
CA ALA B 57 4.92 -4.88 17.24
C ALA B 57 4.26 -6.18 17.69
N ALA B 58 3.25 -6.64 16.95
CA ALA B 58 2.60 -7.91 17.28
C ALA B 58 3.64 -9.03 17.20
N ALA B 59 4.63 -8.85 16.34
CA ALA B 59 5.72 -9.80 16.22
C ALA B 59 6.59 -9.77 17.45
N GLU B 60 6.78 -8.58 18.03
CA GLU B 60 7.60 -8.45 19.24
C GLU B 60 7.03 -9.26 20.41
N LYS B 61 5.72 -9.48 20.40
CA LYS B 61 5.02 -10.22 21.47
C LYS B 61 5.26 -9.63 22.87
N ARG B 62 5.25 -8.30 22.96
CA ARG B 62 5.37 -7.60 24.23
C ARG B 62 4.07 -7.73 25.00
N ASN B 63 4.18 -7.98 26.30
CA ASN B 63 3.03 -8.20 27.17
C ASN B 63 2.18 -6.94 27.34
N GLY B 64 2.82 -5.78 27.27
CA GLY B 64 2.13 -4.53 27.49
C GLY B 64 1.27 -4.07 26.31
N ASP B 65 1.37 -4.78 25.19
CA ASP B 65 0.63 -4.41 23.98
C ASP B 65 -0.84 -4.86 24.01
N GLU B 66 -1.73 -3.92 23.72
CA GLU B 66 -3.15 -4.24 23.62
C GLU B 66 -3.76 -3.57 22.39
N VAL B 67 -4.46 -4.33 21.56
CA VAL B 67 -5.11 -3.73 20.38
C VAL B 67 -6.55 -3.33 20.68
N TYR B 68 -6.87 -2.09 20.33
CA TYR B 68 -8.20 -1.54 20.58
C TYR B 68 -8.81 -1.07 19.28
N THR B 69 -10.14 -0.90 19.28
CA THR B 69 -10.84 -0.38 18.13
C THR B 69 -11.11 1.12 18.28
N LEU B 70 -11.12 1.84 17.17
CA LEU B 70 -11.36 3.29 17.18
C LEU B 70 -12.79 3.61 16.82
N VAL B 71 -13.43 2.70 16.10
CA VAL B 71 -14.76 2.92 15.58
C VAL B 71 -15.68 1.72 15.87
N ASP B 72 -16.84 2.01 16.44
CA ASP B 72 -17.80 0.97 16.81
C ASP B 72 -18.50 0.37 15.59
N SER B 73 -19.35 -0.63 15.83
CA SER B 73 -20.06 -1.30 14.74
C SER B 73 -21.05 -0.39 14.04
N GLN B 74 -21.27 0.80 14.60
CA GLN B 74 -22.21 1.76 14.03
C GLN B 74 -21.53 2.74 13.09
N GLY B 75 -20.20 2.69 13.02
CA GLY B 75 -19.45 3.56 12.14
C GLY B 75 -19.04 4.86 12.80
N LEU B 76 -19.48 5.06 14.03
CA LEU B 76 -19.14 6.25 14.77
C LEU B 76 -17.92 6.02 15.65
N PRO B 77 -17.16 7.08 15.93
CA PRO B 77 -16.00 6.95 16.82
C PRO B 77 -16.44 6.79 18.27
N TYR B 78 -15.90 5.81 18.98
CA TYR B 78 -16.27 5.66 20.39
C TYR B 78 -15.13 5.95 21.36
N ASN B 79 -13.90 6.03 20.84
CA ASN B 79 -12.74 6.41 21.64
C ASN B 79 -12.11 7.68 21.07
N TRP B 80 -12.32 8.80 21.74
CA TRP B 80 -11.97 10.10 21.17
C TRP B 80 -10.55 10.57 21.45
N ASP B 81 -9.97 10.13 22.57
CA ASP B 81 -8.56 10.44 22.84
C ASP B 81 -7.69 9.72 21.83
N ALA B 82 -7.99 8.44 21.61
CA ALA B 82 -7.28 7.64 20.64
C ALA B 82 -7.49 8.19 19.23
N LEU B 83 -8.68 8.71 18.95
CA LEU B 83 -8.96 9.31 17.65
C LEU B 83 -8.12 10.56 17.47
N GLU B 84 -7.96 11.34 18.54
CA GLU B 84 -7.07 12.50 18.50
C GLU B 84 -5.64 12.07 18.21
N MET B 85 -5.21 11.00 18.86
CA MET B 85 -3.87 10.48 18.66
C MET B 85 -3.65 10.04 17.21
N GLN B 86 -4.65 9.39 16.61
CA GLN B 86 -4.55 8.94 15.23
C GLN B 86 -4.51 10.12 14.27
N TRP B 87 -5.39 11.09 14.50
CA TRP B 87 -5.41 12.27 13.66
C TRP B 87 -4.09 13.04 13.73
N ARG B 88 -3.50 13.11 14.93
CA ARG B 88 -2.21 13.76 15.09
C ARG B 88 -1.11 12.95 14.40
N TYR B 89 -1.25 11.62 14.41
CA TYR B 89 -0.32 10.77 13.70
C TYR B 89 -0.36 11.07 12.20
N LEU B 90 -1.57 11.08 11.65
CA LEU B 90 -1.77 11.35 10.23
C LEU B 90 -1.29 12.75 9.83
N TYR B 91 -1.57 13.74 10.66
CA TYR B 91 -1.18 15.11 10.38
C TYR B 91 0.33 15.33 10.48
N ASP B 92 0.92 14.85 11.57
CA ASP B 92 2.32 15.15 11.86
C ASP B 92 3.32 14.32 11.06
N THR B 93 3.06 13.03 10.97
CA THR B 93 4.04 12.12 10.39
C THR B 93 3.76 11.70 8.95
N GLN B 94 2.53 11.88 8.47
CA GLN B 94 2.13 11.38 7.15
C GLN B 94 1.83 12.50 6.17
N LEU B 95 0.74 13.23 6.42
CA LEU B 95 0.42 14.38 5.59
C LEU B 95 1.45 15.49 5.76
N LYS B 96 2.10 15.50 6.92
CA LYS B 96 3.13 16.49 7.24
C LYS B 96 2.65 17.92 7.07
N VAL B 97 1.57 18.25 7.77
CA VAL B 97 0.99 19.58 7.72
C VAL B 97 0.29 19.92 9.06
N SER B 98 0.39 21.17 9.49
CA SER B 98 -0.30 21.61 10.68
C SER B 98 -1.80 21.63 10.44
N PRO B 99 -2.57 21.09 11.38
CA PRO B 99 -4.03 21.02 11.26
C PRO B 99 -4.67 22.38 11.02
N GLU B 100 -4.07 23.42 11.57
CA GLU B 100 -4.66 24.76 11.51
C GLU B 100 -4.41 25.47 10.18
N GLU B 101 -3.76 24.79 9.25
CA GLU B 101 -3.43 25.37 7.95
C GLU B 101 -4.53 25.21 6.89
N LEU B 102 -5.15 24.04 6.84
CA LEU B 102 -6.14 23.74 5.79
C LEU B 102 -7.46 23.29 6.41
N PRO B 103 -8.55 23.30 5.61
CA PRO B 103 -9.84 22.77 6.07
C PRO B 103 -9.84 21.24 6.19
N LEU B 104 -10.87 20.70 6.82
CA LEU B 104 -10.94 19.27 7.08
C LEU B 104 -12.31 18.70 6.73
N VAL B 105 -12.32 17.64 5.92
CA VAL B 105 -13.55 16.97 5.52
C VAL B 105 -13.55 15.53 6.03
N ILE B 106 -14.58 15.15 6.76
CA ILE B 106 -14.67 13.82 7.35
C ILE B 106 -15.94 13.10 6.93
N THR B 107 -16.13 11.89 7.44
CA THR B 107 -17.24 11.04 7.07
C THR B 107 -18.05 10.55 8.25
N MET B 108 -19.37 10.71 8.17
CA MET B 108 -20.29 10.05 9.09
C MET B 108 -21.22 9.13 8.31
N PRO B 109 -21.55 7.97 8.89
CA PRO B 109 -22.45 7.03 8.21
C PRO B 109 -23.89 7.52 8.19
N ALA B 110 -24.72 6.95 7.31
CA ALA B 110 -26.12 7.35 7.24
C ALA B 110 -26.88 6.76 8.42
N THR B 111 -27.66 7.59 9.10
CA THR B 111 -28.41 7.13 10.26
C THR B 111 -29.91 7.43 10.11
N ASN B 112 -30.75 6.48 10.53
CA ASN B 112 -32.21 6.62 10.40
C ASN B 112 -32.79 7.76 11.25
N GLY B 113 -32.26 7.93 12.46
CA GLY B 113 -32.72 9.00 13.33
C GLY B 113 -32.00 10.29 13.01
N LYS B 114 -32.47 11.38 13.62
CA LYS B 114 -31.82 12.68 13.51
C LYS B 114 -30.41 12.57 14.10
N PRO B 115 -29.43 13.22 13.44
CA PRO B 115 -28.00 13.08 13.78
C PRO B 115 -27.69 13.37 15.24
N ASP B 116 -26.72 12.63 15.79
CA ASP B 116 -26.30 12.83 17.16
C ASP B 116 -25.57 14.15 17.29
N MET B 117 -26.09 15.04 18.11
CA MET B 117 -25.40 16.30 18.35
C MET B 117 -24.33 16.10 19.43
N ALA B 118 -24.36 14.92 20.06
CA ALA B 118 -23.33 14.53 21.02
C ALA B 118 -21.99 14.30 20.33
N ILE B 119 -22.02 13.42 19.33
CA ILE B 119 -20.80 13.11 18.61
C ILE B 119 -20.41 14.26 17.65
N LEU B 120 -21.36 15.12 17.32
CA LEU B 120 -21.05 16.33 16.54
C LEU B 120 -20.34 17.33 17.44
N GLU B 121 -20.78 17.39 18.69
CA GLU B 121 -20.09 18.23 19.66
C GLU B 121 -18.69 17.66 19.91
N ARG B 122 -18.58 16.34 19.87
CA ARG B 122 -17.28 15.68 20.04
C ARG B 122 -16.35 15.98 18.86
N TYR B 123 -16.92 15.97 17.65
CA TYR B 123 -16.17 16.30 16.45
C TYR B 123 -15.72 17.77 16.46
N TYR B 124 -16.63 18.67 16.84
CA TYR B 124 -16.30 20.10 16.92
C TYR B 124 -15.25 20.36 17.99
N GLU B 125 -15.29 19.56 19.06
CA GLU B 125 -14.36 19.73 20.16
C GLU B 125 -12.97 19.22 19.76
N LEU B 126 -12.95 18.13 19.01
CA LEU B 126 -11.69 17.57 18.53
C LEU B 126 -11.05 18.46 17.49
N ALA B 127 -11.84 18.87 16.51
CA ALA B 127 -11.32 19.63 15.37
C ALA B 127 -10.95 21.07 15.74
N PHE B 128 -11.83 21.76 16.46
CA PHE B 128 -11.66 23.17 16.76
C PHE B 128 -10.87 23.46 18.05
N ASP B 129 -11.19 22.77 19.14
CA ASP B 129 -10.53 23.05 20.40
C ASP B 129 -9.12 22.46 20.45
N LYS B 130 -8.97 21.20 20.09
CA LYS B 130 -7.68 20.52 20.22
C LYS B 130 -6.75 20.78 19.04
N LEU B 131 -7.17 20.35 17.84
CA LEU B 131 -6.32 20.51 16.65
C LEU B 131 -6.47 21.91 16.04
N ASN B 132 -7.51 22.64 16.46
CA ASN B 132 -7.85 23.97 15.94
C ASN B 132 -7.73 24.16 14.40
N VAL B 133 -8.43 23.30 13.66
CA VAL B 133 -8.55 23.44 12.22
C VAL B 133 -9.43 24.66 11.90
N PRO B 134 -9.06 25.45 10.89
CA PRO B 134 -9.78 26.69 10.58
C PRO B 134 -11.22 26.43 10.11
N VAL B 135 -11.41 25.50 9.17
CA VAL B 135 -12.75 25.19 8.68
C VAL B 135 -12.97 23.67 8.71
N PHE B 136 -14.22 23.24 8.84
CA PHE B 136 -14.50 21.83 9.09
C PHE B 136 -15.86 21.43 8.51
N GLN B 137 -15.90 20.32 7.78
CA GLN B 137 -17.14 19.86 7.18
C GLN B 137 -17.33 18.36 7.35
N ILE B 138 -18.58 17.94 7.55
CA ILE B 138 -18.91 16.53 7.66
C ILE B 138 -19.86 16.08 6.55
N VAL B 139 -19.53 14.98 5.88
CA VAL B 139 -20.38 14.46 4.82
C VAL B 139 -20.91 13.06 5.15
N ILE B 140 -22.07 12.73 4.61
CA ILE B 140 -22.61 11.38 4.78
C ILE B 140 -22.05 10.45 3.71
N GLU B 141 -21.41 9.37 4.16
CA GLU B 141 -20.68 8.47 3.27
C GLU B 141 -21.45 8.00 2.02
N PRO B 142 -22.59 7.28 2.20
CA PRO B 142 -23.23 6.81 0.95
C PRO B 142 -23.76 7.97 0.09
N LEU B 143 -24.05 9.10 0.73
CA LEU B 143 -24.50 10.26 0.00
C LEU B 143 -23.37 10.82 -0.86
N ALA B 144 -22.19 10.95 -0.26
CA ALA B 144 -21.01 11.39 -1.00
C ALA B 144 -20.72 10.45 -2.16
N ILE B 145 -20.85 9.15 -1.90
CA ILE B 145 -20.66 8.13 -2.92
C ILE B 145 -21.63 8.33 -4.09
N ALA B 146 -22.91 8.58 -3.78
CA ALA B 146 -23.91 8.83 -4.81
C ALA B 146 -23.63 10.10 -5.61
N LEU B 147 -23.21 11.16 -4.91
CA LEU B 147 -22.91 12.44 -5.52
C LEU B 147 -21.72 12.38 -6.45
N SER B 148 -20.71 11.60 -6.06
CA SER B 148 -19.50 11.46 -6.85
C SER B 148 -19.77 10.68 -8.12
N MET B 149 -20.84 9.89 -8.12
CA MET B 149 -21.23 9.14 -9.31
C MET B 149 -22.35 9.85 -10.07
N GLY B 150 -22.78 10.99 -9.54
CA GLY B 150 -23.82 11.77 -10.19
C GLY B 150 -25.14 11.06 -10.23
N LYS B 151 -25.48 10.39 -9.14
CA LYS B 151 -26.78 9.75 -9.02
C LYS B 151 -27.57 10.39 -7.89
N SER B 152 -28.48 11.31 -8.24
CA SER B 152 -29.31 11.99 -7.25
C SER B 152 -30.22 10.98 -6.56
N SER B 153 -30.60 9.95 -7.33
CA SER B 153 -31.37 8.85 -6.80
C SER B 153 -30.54 7.59 -6.82
N ALA B 154 -30.26 7.04 -5.65
CA ALA B 154 -29.39 5.88 -5.54
C ALA B 154 -29.76 4.92 -4.40
N PHE B 155 -29.56 3.64 -4.63
CA PHE B 155 -29.77 2.61 -3.62
C PHE B 155 -28.40 2.02 -3.28
N VAL B 156 -27.83 2.47 -2.17
CA VAL B 156 -26.45 2.13 -1.84
C VAL B 156 -26.33 0.94 -0.90
N ILE B 157 -25.90 -0.19 -1.44
CA ILE B 157 -25.62 -1.38 -0.65
C ILE B 157 -24.14 -1.43 -0.32
N ASP B 158 -23.80 -1.09 0.92
CA ASP B 158 -22.40 -1.06 1.33
C ASP B 158 -22.06 -2.20 2.30
N ILE B 159 -21.38 -3.22 1.82
CA ILE B 159 -21.06 -4.37 2.64
C ILE B 159 -19.64 -4.27 3.23
N GLY B 160 -19.55 -3.85 4.48
CA GLY B 160 -18.27 -3.64 5.13
C GLY B 160 -17.93 -4.70 6.16
N ALA B 161 -17.06 -4.35 7.11
CA ALA B 161 -16.65 -5.28 8.15
C ALA B 161 -17.64 -5.33 9.30
N SER B 162 -18.32 -4.21 9.53
CA SER B 162 -19.27 -4.11 10.61
C SER B 162 -20.55 -4.87 10.27
N GLY B 163 -20.98 -4.76 9.02
CA GLY B 163 -22.19 -5.39 8.55
C GLY B 163 -22.57 -4.85 7.19
N CYS B 164 -23.82 -5.02 6.79
CA CYS B 164 -24.33 -4.48 5.52
C CYS B 164 -25.13 -3.23 5.79
N ASN B 165 -24.67 -2.11 5.24
CA ASN B 165 -25.37 -0.84 5.40
C ASN B 165 -26.13 -0.47 4.13
N VAL B 166 -27.45 -0.45 4.22
CA VAL B 166 -28.29 -0.16 3.07
C VAL B 166 -28.89 1.23 3.17
N THR B 167 -28.54 2.09 2.22
CA THR B 167 -28.97 3.49 2.25
C THR B 167 -29.58 3.94 0.92
N PRO B 168 -30.91 3.97 0.84
CA PRO B 168 -31.60 4.52 -0.33
C PRO B 168 -31.48 6.03 -0.36
N ILE B 169 -31.38 6.60 -1.56
CA ILE B 169 -31.28 8.04 -1.73
C ILE B 169 -32.18 8.46 -2.88
N ILE B 170 -33.03 9.45 -2.65
CA ILE B 170 -33.91 9.93 -3.69
C ILE B 170 -33.90 11.46 -3.79
N ASP B 171 -33.49 11.94 -4.96
CA ASP B 171 -33.35 13.37 -5.25
C ASP B 171 -32.36 14.02 -4.30
N GLY B 172 -31.32 13.28 -3.94
CA GLY B 172 -30.24 13.84 -3.16
C GLY B 172 -30.48 13.92 -1.66
N ILE B 173 -31.60 13.39 -1.19
CA ILE B 173 -31.84 13.38 0.25
C ILE B 173 -31.81 11.93 0.75
N VAL B 174 -31.28 11.76 1.96
CA VAL B 174 -30.88 10.44 2.45
C VAL B 174 -32.05 9.47 2.69
N VAL B 175 -33.28 9.98 2.83
CA VAL B 175 -34.44 9.15 3.17
C VAL B 175 -34.17 8.31 4.43
N LYS B 176 -34.07 9.01 5.57
CA LYS B 176 -33.53 8.42 6.79
C LYS B 176 -34.23 7.16 7.33
N ASN B 177 -35.56 7.18 7.42
CA ASN B 177 -36.30 6.08 8.04
C ASN B 177 -36.25 4.77 7.25
N ALA B 178 -35.60 4.80 6.08
CA ALA B 178 -35.45 3.59 5.25
C ALA B 178 -34.07 2.97 5.37
N VAL B 179 -33.20 3.59 6.17
CA VAL B 179 -31.83 3.12 6.37
C VAL B 179 -31.82 1.83 7.21
N VAL B 180 -31.13 0.82 6.71
CA VAL B 180 -31.05 -0.48 7.36
C VAL B 180 -29.61 -0.90 7.54
N ARG B 181 -29.23 -1.29 8.77
CA ARG B 181 -27.88 -1.80 9.02
C ARG B 181 -27.92 -3.26 9.44
N SER B 182 -27.05 -4.07 8.84
CA SER B 182 -26.98 -5.49 9.19
C SER B 182 -25.89 -5.76 10.20
N LYS B 183 -25.94 -6.94 10.81
CA LYS B 183 -24.97 -7.32 11.83
C LYS B 183 -23.89 -8.22 11.26
N PHE B 184 -24.07 -8.66 10.02
CA PHE B 184 -23.21 -9.67 9.44
C PHE B 184 -22.34 -9.13 8.32
N GLY B 185 -21.09 -8.84 8.65
CA GLY B 185 -20.14 -8.29 7.70
C GLY B 185 -18.88 -9.11 7.54
N GLY B 186 -17.77 -8.42 7.36
CA GLY B 186 -16.48 -9.08 7.17
C GLY B 186 -15.87 -9.57 8.46
N ASP B 187 -16.26 -8.98 9.59
CA ASP B 187 -15.77 -9.42 10.89
C ASP B 187 -16.39 -10.77 11.22
N PHE B 188 -17.69 -10.86 10.92
CA PHE B 188 -18.43 -12.09 11.08
C PHE B 188 -17.75 -13.22 10.30
N LEU B 189 -17.43 -12.93 9.05
CA LEU B 189 -16.73 -13.87 8.19
C LEU B 189 -15.34 -14.23 8.75
N ASP B 190 -14.66 -13.26 9.33
CA ASP B 190 -13.37 -13.51 9.99
C ASP B 190 -13.55 -14.60 11.03
N PHE B 191 -14.52 -14.38 11.91
CA PHE B 191 -14.83 -15.34 12.96
C PHE B 191 -15.19 -16.72 12.44
N GLN B 192 -16.10 -16.79 11.47
CA GLN B 192 -16.54 -18.07 10.92
C GLN B 192 -15.41 -18.82 10.23
N VAL B 193 -14.54 -18.09 9.54
CA VAL B 193 -13.37 -18.69 8.91
C VAL B 193 -12.47 -19.30 9.97
N HIS B 194 -12.20 -18.54 11.02
CA HIS B 194 -11.38 -19.06 12.12
C HIS B 194 -12.00 -20.32 12.73
N GLU B 195 -13.32 -20.30 12.96
CA GLU B 195 -14.00 -21.44 13.57
C GLU B 195 -13.96 -22.69 12.69
N ARG B 196 -14.43 -22.57 11.46
CA ARG B 196 -14.50 -23.71 10.54
C ARG B 196 -13.10 -24.24 10.23
N LEU B 197 -12.11 -23.36 10.15
CA LEU B 197 -10.76 -23.82 9.83
C LEU B 197 -9.94 -24.24 11.04
N ALA B 198 -10.48 -24.00 12.24
CA ALA B 198 -9.79 -24.36 13.49
C ALA B 198 -9.38 -25.83 13.59
N PRO B 199 -10.29 -26.79 13.29
CA PRO B 199 -9.86 -28.19 13.42
C PRO B 199 -8.66 -28.56 12.53
N LEU B 200 -8.61 -27.99 11.33
CA LEU B 200 -7.57 -28.30 10.35
C LEU B 200 -6.21 -27.71 10.76
N ILE B 201 -6.25 -26.70 11.62
CA ILE B 201 -5.03 -26.11 12.13
C ILE B 201 -4.54 -26.80 13.42
N LYS B 202 -5.48 -27.12 14.32
CA LYS B 202 -5.15 -27.63 15.64
C LYS B 202 -4.41 -28.97 15.63
N GLU B 203 -5.00 -29.97 14.98
CA GLU B 203 -4.40 -31.31 14.96
C GLU B 203 -3.14 -31.34 14.08
N LYS B 215 0.60 -10.40 23.67
CA LYS B 215 -0.34 -11.37 24.25
C LYS B 215 -1.35 -11.90 23.22
N ARG B 216 -2.58 -12.18 23.66
CA ARG B 216 -3.60 -12.78 22.81
C ARG B 216 -4.20 -11.82 21.77
N SER B 217 -4.64 -10.64 22.20
CA SER B 217 -5.37 -9.72 21.32
C SER B 217 -4.55 -9.32 20.10
N THR B 218 -3.26 -9.05 20.31
CA THR B 218 -2.35 -8.73 19.22
C THR B 218 -2.24 -9.91 18.27
N ASP B 219 -2.35 -11.12 18.81
CA ASP B 219 -2.26 -12.34 18.00
C ASP B 219 -3.54 -12.55 17.17
N VAL B 220 -4.68 -12.35 17.80
CA VAL B 220 -5.98 -12.46 17.14
C VAL B 220 -6.03 -11.48 15.99
N TRP B 221 -5.61 -10.25 16.29
CA TRP B 221 -5.49 -9.22 15.28
C TRP B 221 -4.60 -9.75 14.17
N TYR B 222 -3.35 -10.06 14.50
CA TYR B 222 -2.34 -10.48 13.53
C TYR B 222 -2.91 -11.52 12.54
N GLU B 223 -3.63 -12.49 13.10
CA GLU B 223 -4.22 -13.54 12.28
C GLU B 223 -5.31 -12.98 11.39
N ALA B 224 -6.13 -12.09 11.95
CA ALA B 224 -7.20 -11.48 11.17
C ALA B 224 -6.66 -10.63 10.01
N SER B 225 -5.46 -10.08 10.19
CA SER B 225 -4.86 -9.18 9.20
C SER B 225 -3.91 -9.86 8.23
N THR B 226 -3.67 -11.15 8.43
CA THR B 226 -2.74 -11.88 7.58
C THR B 226 -3.38 -13.04 6.81
N TRP B 227 -3.43 -14.21 7.43
CA TRP B 227 -3.91 -15.38 6.72
C TRP B 227 -5.44 -15.41 6.57
N ILE B 228 -6.16 -14.91 7.57
CA ILE B 228 -7.61 -14.86 7.48
C ILE B 228 -8.04 -13.96 6.33
N GLN B 229 -7.44 -12.79 6.28
CA GLN B 229 -7.67 -11.84 5.20
C GLN B 229 -7.43 -12.44 3.84
N GLN B 230 -6.32 -13.18 3.72
CA GLN B 230 -5.97 -13.80 2.45
C GLN B 230 -6.96 -14.92 2.07
N PHE B 231 -7.44 -15.63 3.07
CA PHE B 231 -8.43 -16.68 2.87
C PHE B 231 -9.73 -16.09 2.34
N LYS B 232 -10.15 -14.99 2.98
CA LYS B 232 -11.35 -14.30 2.53
C LYS B 232 -11.21 -13.81 1.10
N SER B 233 -10.06 -13.18 0.79
CA SER B 233 -9.86 -12.61 -0.53
C SER B 233 -9.54 -13.63 -1.61
N THR B 234 -9.29 -14.87 -1.23
CA THR B 234 -8.95 -15.88 -2.22
C THR B 234 -9.91 -17.06 -2.24
N MET B 235 -10.23 -17.60 -1.06
CA MET B 235 -11.04 -18.82 -0.98
C MET B 235 -12.57 -18.61 -0.95
N LEU B 236 -13.01 -17.50 -0.41
CA LEU B 236 -14.45 -17.23 -0.25
C LEU B 236 -15.11 -16.85 -1.57
N GLN B 237 -16.29 -17.43 -1.81
CA GLN B 237 -17.10 -17.11 -2.97
C GLN B 237 -18.58 -17.20 -2.61
N VAL B 238 -19.43 -16.45 -3.32
CA VAL B 238 -20.87 -16.50 -3.09
C VAL B 238 -21.57 -17.23 -4.22
N SER B 239 -22.40 -18.20 -3.87
CA SER B 239 -23.17 -18.95 -4.86
C SER B 239 -24.21 -18.04 -5.52
N GLU B 240 -24.40 -18.22 -6.83
CA GLU B 240 -25.31 -17.39 -7.60
C GLU B 240 -26.74 -17.50 -7.12
N LYS B 241 -27.09 -18.62 -6.51
CA LYS B 241 -28.42 -18.79 -5.94
C LYS B 241 -28.29 -19.50 -4.59
N ASP B 242 -29.44 -19.85 -3.99
CA ASP B 242 -29.48 -20.60 -2.74
C ASP B 242 -28.55 -21.81 -2.83
N LEU B 243 -27.71 -22.00 -1.82
CA LEU B 243 -26.67 -23.03 -1.88
C LEU B 243 -27.22 -24.46 -1.82
N PHE B 244 -28.28 -24.66 -1.04
CA PHE B 244 -28.86 -26.00 -0.91
C PHE B 244 -29.53 -26.41 -2.22
N GLU B 245 -30.33 -25.49 -2.76
CA GLU B 245 -30.99 -25.68 -4.04
C GLU B 245 -29.95 -25.97 -5.12
N LEU B 246 -28.81 -25.30 -5.04
CA LEU B 246 -27.73 -25.46 -6.01
C LEU B 246 -27.02 -26.81 -5.84
N GLU B 247 -26.93 -27.28 -4.59
CA GLU B 247 -26.39 -28.59 -4.30
C GLU B 247 -27.28 -29.63 -4.95
N ARG B 248 -28.59 -29.49 -4.75
CA ARG B 248 -29.55 -30.41 -5.35
C ARG B 248 -29.42 -30.43 -6.87
N TYR B 249 -29.47 -29.23 -7.46
CA TYR B 249 -29.38 -29.05 -8.90
C TYR B 249 -28.11 -29.65 -9.52
N TYR B 250 -26.96 -29.34 -8.93
CA TYR B 250 -25.69 -29.85 -9.45
C TYR B 250 -25.54 -31.35 -9.24
N LYS B 251 -26.11 -31.87 -8.15
CA LYS B 251 -26.08 -33.31 -7.93
C LYS B 251 -26.86 -34.04 -9.02
N GLU B 252 -28.10 -33.61 -9.22
CA GLU B 252 -28.96 -34.23 -10.22
C GLU B 252 -28.42 -34.08 -11.66
N GLN B 253 -27.97 -32.88 -12.00
CA GLN B 253 -27.36 -32.66 -13.31
C GLN B 253 -26.11 -33.53 -13.49
N ALA B 254 -25.31 -33.65 -12.43
CA ALA B 254 -24.13 -34.53 -12.49
C ALA B 254 -24.55 -35.96 -12.75
N ASP B 255 -25.64 -36.39 -12.12
CA ASP B 255 -26.13 -37.76 -12.28
C ASP B 255 -26.65 -38.09 -13.68
N ILE B 256 -27.48 -37.20 -14.23
CA ILE B 256 -28.16 -37.49 -15.49
C ILE B 256 -27.27 -37.50 -16.75
N TYR B 257 -26.06 -36.96 -16.64
CA TYR B 257 -25.20 -36.83 -17.83
C TYR B 257 -24.13 -37.90 -17.97
N ALA B 258 -24.00 -38.78 -16.98
CA ALA B 258 -23.08 -39.90 -17.09
C ALA B 258 -23.85 -41.19 -17.32
N LYS B 259 -25.17 -41.05 -17.41
CA LYS B 259 -26.13 -42.17 -17.32
C LYS B 259 -26.53 -42.79 -18.68
N GLN B 260 -25.83 -42.40 -19.75
CA GLN B 260 -26.19 -42.86 -21.09
C GLN B 260 -25.79 -44.34 -21.34
N GLN B 261 -25.33 -45.03 -20.30
CA GLN B 261 -24.97 -46.45 -20.43
C GLN B 261 -26.22 -47.33 -20.58
N THR B 277 -9.61 -37.58 -12.08
CA THR B 277 -10.86 -38.33 -11.96
C THR B 277 -12.05 -37.43 -11.51
N GLY B 278 -11.91 -36.12 -11.70
CA GLY B 278 -12.92 -35.16 -11.31
C GLY B 278 -14.10 -35.10 -12.27
N SER B 279 -15.22 -34.53 -11.80
CA SER B 279 -16.44 -34.43 -12.61
C SER B 279 -16.76 -33.00 -13.05
N PRO B 280 -16.88 -32.79 -14.37
CA PRO B 280 -17.15 -31.46 -14.94
C PRO B 280 -18.59 -30.98 -14.73
N ASN B 281 -19.49 -31.90 -14.44
CA ASN B 281 -20.90 -31.55 -14.26
C ASN B 281 -21.28 -31.27 -12.81
N ASN B 282 -20.31 -31.37 -11.92
CA ASN B 282 -20.55 -31.08 -10.52
C ASN B 282 -19.41 -30.23 -9.95
N PRO B 283 -19.53 -28.89 -10.08
CA PRO B 283 -18.48 -27.96 -9.66
C PRO B 283 -18.28 -27.91 -8.14
N LEU B 284 -19.26 -28.41 -7.40
CA LEU B 284 -19.26 -28.32 -5.94
C LEU B 284 -18.31 -29.30 -5.28
N VAL B 285 -17.86 -30.32 -6.01
CA VAL B 285 -16.93 -31.30 -5.46
C VAL B 285 -15.48 -31.07 -5.92
N GLN B 286 -15.25 -29.98 -6.64
CA GLN B 286 -13.91 -29.61 -7.07
C GLN B 286 -13.03 -29.18 -5.91
N LYS B 287 -11.86 -29.79 -5.79
CA LYS B 287 -10.92 -29.45 -4.74
C LYS B 287 -10.21 -28.12 -5.00
N LYS B 288 -10.24 -27.24 -4.00
CA LYS B 288 -9.53 -25.97 -4.02
C LYS B 288 -8.56 -25.91 -2.83
N ASN B 289 -7.31 -25.54 -3.11
CA ASN B 289 -6.22 -25.62 -2.13
C ASN B 289 -5.70 -24.27 -1.66
N PHE B 290 -5.59 -24.10 -0.35
CA PHE B 290 -5.11 -22.87 0.27
C PHE B 290 -3.86 -23.15 1.10
N LEU B 291 -2.79 -22.40 0.89
CA LEU B 291 -1.57 -22.67 1.63
C LEU B 291 -1.57 -21.90 2.93
N PHE B 292 -1.67 -22.61 4.03
CA PHE B 292 -1.67 -22.00 5.34
C PHE B 292 -0.22 -21.78 5.78
N LYS B 293 0.27 -20.56 5.64
CA LYS B 293 1.68 -20.25 5.88
C LYS B 293 2.23 -20.53 7.29
N PRO B 294 1.50 -20.18 8.37
CA PRO B 294 2.09 -20.41 9.69
C PRO B 294 2.54 -21.84 9.94
N LEU B 295 1.75 -22.81 9.54
CA LEU B 295 2.11 -24.21 9.71
C LEU B 295 2.69 -24.79 8.43
N ASN B 296 2.68 -24.03 7.35
CA ASN B 296 3.13 -24.49 6.04
C ASN B 296 2.48 -25.81 5.63
N LYS B 297 1.15 -25.86 5.71
CA LYS B 297 0.40 -27.03 5.31
C LYS B 297 -0.77 -26.63 4.41
N THR B 298 -1.18 -27.56 3.56
CA THR B 298 -2.28 -27.32 2.64
C THR B 298 -3.62 -27.52 3.32
N LEU B 299 -4.47 -26.52 3.21
CA LEU B 299 -5.87 -26.64 3.60
C LEU B 299 -6.69 -26.86 2.35
N THR B 300 -7.32 -28.02 2.23
CA THR B 300 -8.13 -28.31 1.05
C THR B 300 -9.61 -28.26 1.37
N LEU B 301 -10.35 -27.47 0.59
CA LEU B 301 -11.80 -27.44 0.70
C LEU B 301 -12.41 -27.66 -0.68
N ASP B 302 -13.65 -28.13 -0.75
CA ASP B 302 -14.32 -28.19 -2.05
C ASP B 302 -15.24 -26.98 -2.16
N LEU B 303 -15.59 -26.63 -3.39
CA LEU B 303 -16.25 -25.35 -3.70
C LEU B 303 -17.49 -25.06 -2.86
N LYS B 304 -18.23 -26.12 -2.52
CA LYS B 304 -19.37 -26.00 -1.62
C LYS B 304 -18.97 -25.40 -0.27
N GLU B 305 -17.90 -25.93 0.31
CA GLU B 305 -17.43 -25.48 1.61
C GLU B 305 -16.93 -24.05 1.57
N TYR B 307 -18.42 -21.86 -0.54
CA TYR B 307 -19.69 -21.16 -0.71
C TYR B 307 -20.39 -20.95 0.62
N GLN B 308 -20.19 -21.89 1.54
CA GLN B 308 -20.91 -21.87 2.81
C GLN B 308 -20.69 -20.59 3.62
N PHE B 309 -19.43 -20.20 3.74
CA PHE B 309 -19.04 -19.01 4.49
C PHE B 309 -19.87 -17.80 4.12
N ALA B 310 -19.78 -17.40 2.85
CA ALA B 310 -20.53 -16.26 2.37
C ALA B 310 -22.04 -16.51 2.41
N GLU B 311 -22.44 -17.76 2.21
CA GLU B 311 -23.86 -18.13 2.29
C GLU B 311 -24.46 -17.75 3.65
N TYR B 312 -23.65 -17.80 4.70
CA TYR B 312 -24.11 -17.37 6.04
C TYR B 312 -24.62 -15.92 6.08
N LEU B 313 -24.11 -15.08 5.18
CA LEU B 313 -24.53 -13.69 5.12
C LEU B 313 -25.99 -13.57 4.65
N PHE B 314 -26.39 -14.47 3.77
CA PHE B 314 -27.72 -14.45 3.18
C PHE B 314 -28.74 -15.24 3.98
N LYS B 315 -28.30 -16.35 4.60
CA LYS B 315 -29.16 -17.15 5.46
C LYS B 315 -28.55 -17.30 6.85
N PRO B 316 -28.56 -16.22 7.63
CA PRO B 316 -27.88 -16.19 8.94
C PRO B 316 -28.43 -17.24 9.92
N GLN B 317 -29.67 -17.67 9.70
CA GLN B 317 -30.30 -18.67 10.54
C GLN B 317 -29.50 -19.97 10.59
N LEU B 318 -28.72 -20.23 9.55
CA LEU B 318 -27.95 -21.47 9.45
C LEU B 318 -26.85 -21.61 10.51
N ILE B 319 -26.38 -20.51 11.10
CA ILE B 319 -25.33 -20.58 12.12
C ILE B 319 -25.85 -20.76 13.54
N SER B 320 -26.97 -20.12 13.85
CA SER B 320 -27.39 -19.94 15.24
C SER B 320 -28.82 -19.40 15.30
N ASP B 321 -29.32 -19.17 16.51
CA ASP B 321 -30.55 -18.42 16.65
C ASP B 321 -30.44 -17.35 17.71
N LYS B 322 -30.17 -16.14 17.26
CA LYS B 322 -31.05 -15.02 17.51
C LYS B 322 -31.78 -14.95 16.17
N PHE B 323 -30.97 -15.31 15.17
CA PHE B 323 -31.04 -14.83 13.79
C PHE B 323 -32.21 -15.32 12.95
N SER B 324 -33.18 -14.44 12.76
CA SER B 324 -34.31 -14.69 11.85
C SER B 324 -33.81 -14.70 10.41
N PRO B 325 -34.49 -15.46 9.53
CA PRO B 325 -34.16 -15.41 8.11
C PRO B 325 -34.26 -13.99 7.58
N GLU B 326 -35.08 -13.18 8.24
CA GLU B 326 -35.23 -11.79 7.84
C GLU B 326 -34.03 -10.93 8.17
N ASP B 327 -33.00 -11.53 8.79
CA ASP B 327 -31.75 -10.83 9.04
C ASP B 327 -30.74 -11.00 7.89
N GLY B 328 -31.12 -11.80 6.90
CA GLY B 328 -30.32 -12.01 5.71
C GLY B 328 -30.35 -10.81 4.80
N LEU B 329 -29.36 -10.72 3.92
CA LEU B 329 -29.19 -9.55 3.06
C LEU B 329 -30.42 -9.27 2.19
N GLY B 330 -31.00 -10.32 1.59
CA GLY B 330 -32.16 -10.17 0.71
C GLY B 330 -33.37 -9.50 1.35
N PRO B 331 -33.93 -10.13 2.40
CA PRO B 331 -35.04 -9.56 3.16
C PRO B 331 -34.75 -8.13 3.65
N LEU B 332 -33.51 -7.87 4.08
CA LEU B 332 -33.15 -6.54 4.54
C LEU B 332 -33.19 -5.52 3.42
N MET B 333 -32.68 -5.89 2.25
CA MET B 333 -32.71 -5.05 1.06
C MET B 333 -34.15 -4.72 0.64
N ALA B 334 -34.95 -5.76 0.45
CA ALA B 334 -36.36 -5.59 0.09
C ALA B 334 -37.07 -4.70 1.12
N LYS B 335 -36.79 -4.94 2.40
CA LYS B 335 -37.35 -4.14 3.48
C LYS B 335 -37.00 -2.68 3.30
N SER B 336 -35.74 -2.38 3.02
CA SER B 336 -35.30 -1.01 2.82
C SER B 336 -36.02 -0.35 1.65
N VAL B 337 -36.14 -1.09 0.55
CA VAL B 337 -36.80 -0.58 -0.64
C VAL B 337 -38.25 -0.22 -0.36
N LYS B 338 -39.01 -1.17 0.19
CA LYS B 338 -40.41 -0.94 0.52
C LYS B 338 -40.57 0.18 1.54
N LYS B 339 -39.64 0.25 2.48
CA LYS B 339 -39.67 1.31 3.50
C LYS B 339 -39.49 2.69 2.87
N ALA B 340 -38.56 2.79 1.93
CA ALA B 340 -38.32 4.05 1.22
C ALA B 340 -39.54 4.41 0.40
N GLY B 341 -40.12 3.40 -0.25
CA GLY B 341 -41.33 3.58 -1.01
C GLY B 341 -42.49 4.16 -0.21
N ALA B 342 -42.81 3.52 0.90
CA ALA B 342 -43.87 3.99 1.79
C ALA B 342 -43.55 5.35 2.40
N SER B 343 -42.27 5.58 2.66
CA SER B 343 -41.85 6.81 3.32
C SER B 343 -41.91 8.02 2.41
N ILE B 344 -41.76 7.79 1.12
CA ILE B 344 -41.75 8.90 0.18
C ILE B 344 -43.12 9.56 0.06
N ASN B 345 -44.15 8.92 0.61
CA ASN B 345 -45.49 9.48 0.57
C ASN B 345 -45.72 10.48 1.72
N SER B 346 -44.79 10.53 2.68
CA SER B 346 -44.85 11.53 3.75
C SER B 346 -44.55 12.92 3.18
N MET B 347 -44.09 12.95 1.93
CA MET B 347 -43.85 14.20 1.20
C MET B 347 -45.10 14.60 0.40
N LYS B 348 -46.13 13.75 0.48
CA LYS B 348 -47.45 13.87 -0.19
C LYS B 348 -47.38 13.33 -1.63
N ALA B 349 -46.16 12.93 -2.03
CA ALA B 349 -45.86 12.06 -3.20
C ALA B 349 -45.53 12.91 -4.43
N ASN B 350 -45.93 14.19 -4.39
CA ASN B 350 -45.54 15.20 -5.40
C ASN B 350 -45.91 14.88 -6.86
N THR B 351 -46.58 13.75 -7.10
CA THR B 351 -46.92 13.35 -8.46
C THR B 351 -48.45 13.22 -8.64
N SER B 352 -49.00 14.10 -9.49
CA SER B 352 -50.43 14.14 -9.84
C SER B 352 -51.36 14.17 -8.61
N SER B 380 -46.80 6.36 -7.30
CA SER B 380 -45.48 6.84 -6.89
C SER B 380 -44.69 5.83 -6.00
N PRO B 381 -45.37 5.07 -5.09
CA PRO B 381 -44.56 4.10 -4.29
C PRO B 381 -43.83 3.13 -5.23
N GLU B 382 -44.55 2.49 -6.15
CA GLU B 382 -43.90 1.56 -7.07
C GLU B 382 -42.87 2.29 -7.95
N GLN B 383 -43.15 3.55 -8.28
CA GLN B 383 -42.22 4.36 -9.06
C GLN B 383 -40.86 4.63 -8.38
N VAL B 384 -40.89 4.93 -7.07
CA VAL B 384 -39.66 5.11 -6.27
C VAL B 384 -38.91 3.79 -6.20
N TYR B 385 -39.65 2.67 -6.12
CA TYR B 385 -39.03 1.36 -6.21
C TYR B 385 -38.19 1.34 -7.47
N SER B 386 -38.87 1.36 -8.62
CA SER B 386 -38.22 1.32 -9.92
C SER B 386 -36.99 2.24 -9.94
N LEU B 387 -37.13 3.38 -9.27
CA LEU B 387 -36.07 4.37 -9.25
C LEU B 387 -34.86 3.89 -8.45
N LEU B 388 -35.10 3.33 -7.28
CA LEU B 388 -34.02 2.80 -6.46
C LEU B 388 -33.38 1.58 -7.10
N LEU B 389 -34.21 0.67 -7.59
CA LEU B 389 -33.76 -0.59 -8.17
C LEU B 389 -33.03 -0.39 -9.49
N THR B 390 -33.25 0.77 -10.13
CA THR B 390 -32.58 1.08 -11.38
C THR B 390 -31.23 1.78 -11.14
N ASN B 391 -31.01 2.26 -9.92
CA ASN B 391 -29.71 2.81 -9.52
C ASN B 391 -29.17 2.18 -8.24
N VAL B 392 -28.59 0.99 -8.37
CA VAL B 392 -28.09 0.24 -7.23
C VAL B 392 -26.58 0.27 -7.22
N ILE B 393 -26.03 0.93 -6.20
CA ILE B 393 -24.59 1.05 -6.05
C ILE B 393 -24.07 0.07 -5.03
N ILE B 394 -23.36 -0.95 -5.49
CA ILE B 394 -22.77 -1.93 -4.59
C ILE B 394 -21.34 -1.55 -4.23
N THR B 395 -21.09 -1.27 -2.94
CA THR B 395 -19.76 -0.88 -2.50
C THR B 395 -19.37 -1.58 -1.19
N GLY B 396 -18.16 -1.32 -0.71
CA GLY B 396 -17.65 -1.96 0.49
C GLY B 396 -16.70 -3.10 0.16
N SER B 397 -15.66 -3.26 0.97
CA SER B 397 -14.62 -4.25 0.73
C SER B 397 -15.16 -5.67 0.63
N THR B 398 -16.01 -6.03 1.57
CA THR B 398 -16.60 -7.35 1.61
C THR B 398 -17.37 -7.65 0.33
N SER B 399 -17.83 -6.61 -0.35
CA SER B 399 -18.58 -6.82 -1.58
C SER B 399 -17.70 -7.25 -2.74
N LEU B 400 -16.42 -7.47 -2.49
CA LEU B 400 -15.53 -7.88 -3.56
C LEU B 400 -15.41 -9.40 -3.66
N ILE B 401 -16.12 -10.11 -2.80
CA ILE B 401 -16.04 -11.56 -2.84
C ILE B 401 -16.69 -11.98 -4.14
N GLU B 402 -16.30 -13.16 -4.62
CA GLU B 402 -16.42 -13.51 -6.02
C GLU B 402 -17.83 -13.45 -6.58
N GLY B 403 -18.79 -13.95 -5.82
CA GLY B 403 -20.14 -14.01 -6.35
C GLY B 403 -21.12 -13.00 -5.80
N MET B 404 -20.65 -12.03 -5.01
CA MET B 404 -21.54 -11.12 -4.26
C MET B 404 -22.57 -10.46 -5.16
N GLU B 405 -22.12 -9.70 -6.15
CA GLU B 405 -23.01 -8.85 -6.93
C GLU B 405 -24.12 -9.64 -7.63
N GLN B 406 -23.75 -10.79 -8.21
CA GLN B 406 -24.72 -11.64 -8.91
C GLN B 406 -25.76 -12.19 -7.95
N ARG B 407 -25.32 -12.54 -6.74
CA ARG B 407 -26.22 -13.06 -5.72
C ARG B 407 -27.15 -11.95 -5.20
N ILE B 408 -26.62 -10.74 -5.04
CA ILE B 408 -27.45 -9.60 -4.67
C ILE B 408 -28.48 -9.30 -5.75
N ILE B 409 -28.07 -9.37 -7.01
CA ILE B 409 -28.98 -9.21 -8.13
C ILE B 409 -30.10 -10.24 -8.09
N LYS B 410 -29.73 -11.50 -7.91
CA LYS B 410 -30.70 -12.58 -7.83
C LYS B 410 -31.68 -12.35 -6.70
N GLU B 411 -31.14 -12.03 -5.53
CA GLU B 411 -31.93 -11.84 -4.33
C GLU B 411 -32.91 -10.69 -4.48
N LEU B 412 -32.49 -9.64 -5.18
CA LEU B 412 -33.35 -8.49 -5.43
C LEU B 412 -34.43 -8.80 -6.46
N SER B 413 -34.05 -9.51 -7.53
CA SER B 413 -34.97 -9.86 -8.61
C SER B 413 -36.07 -10.85 -8.17
N ILE B 414 -35.73 -11.84 -7.35
CA ILE B 414 -36.75 -12.77 -6.88
C ILE B 414 -37.76 -12.08 -5.94
N ARG B 415 -37.35 -11.01 -5.28
CA ARG B 415 -38.23 -10.26 -4.38
C ARG B 415 -38.86 -9.01 -5.05
N PHE B 416 -38.44 -8.72 -6.27
CA PHE B 416 -39.06 -7.64 -7.06
C PHE B 416 -39.13 -7.99 -8.54
N PRO B 417 -39.87 -9.06 -8.89
CA PRO B 417 -39.99 -9.41 -10.32
C PRO B 417 -40.80 -8.34 -11.05
N GLN B 418 -40.73 -8.34 -12.38
CA GLN B 418 -41.35 -7.29 -13.18
C GLN B 418 -40.81 -5.92 -12.83
N TYR B 419 -39.55 -5.88 -12.40
CA TYR B 419 -38.83 -4.63 -12.22
C TYR B 419 -37.53 -4.73 -12.98
N LYS B 420 -37.02 -3.59 -13.43
CA LYS B 420 -35.73 -3.57 -14.11
C LYS B 420 -34.64 -3.36 -13.07
N LEU B 421 -33.72 -4.31 -12.97
CA LEU B 421 -32.59 -4.18 -12.06
C LEU B 421 -31.38 -3.67 -12.78
N THR B 422 -30.85 -2.55 -12.32
CA THR B 422 -29.57 -2.08 -12.82
C THR B 422 -28.63 -1.82 -11.63
N THR B 423 -27.58 -2.62 -11.53
CA THR B 423 -26.62 -2.46 -10.46
C THR B 423 -25.29 -1.93 -10.97
N PHE B 424 -24.63 -1.12 -10.16
CA PHE B 424 -23.31 -0.60 -10.49
C PHE B 424 -22.33 -1.03 -9.42
N ALA B 425 -21.26 -1.71 -9.81
CA ALA B 425 -20.23 -2.09 -8.87
C ALA B 425 -18.87 -1.81 -9.46
N ASN B 426 -18.14 -0.91 -8.82
CA ASN B 426 -16.81 -0.51 -9.27
C ASN B 426 -15.88 -1.71 -9.45
N GLN B 427 -15.40 -1.92 -10.68
CA GLN B 427 -14.55 -3.06 -10.99
C GLN B 427 -13.11 -2.84 -10.56
N VAL B 428 -12.81 -1.64 -10.11
CA VAL B 428 -11.50 -1.33 -9.55
C VAL B 428 -11.54 -1.58 -8.06
N MET B 429 -10.87 -2.63 -7.61
CA MET B 429 -11.01 -3.11 -6.25
C MET B 429 -10.56 -2.09 -5.19
N MET B 430 -9.41 -1.47 -5.39
CA MET B 430 -8.93 -0.48 -4.43
C MET B 430 -9.92 0.64 -4.25
N ASP B 431 -10.52 1.06 -5.37
CA ASP B 431 -11.55 2.08 -5.38
C ASP B 431 -12.80 1.67 -4.64
N ARG B 432 -13.24 0.43 -4.82
CA ARG B 432 -14.43 -0.03 -4.13
C ARG B 432 -14.20 -0.08 -2.62
N LYS B 433 -12.96 -0.35 -2.21
CA LYS B 433 -12.65 -0.37 -0.79
C LYS B 433 -12.66 1.01 -0.15
N ILE B 434 -12.30 2.04 -0.91
CA ILE B 434 -12.22 3.40 -0.39
C ILE B 434 -13.24 4.39 -1.02
N GLN B 435 -14.32 3.85 -1.57
CA GLN B 435 -15.29 4.63 -2.34
C GLN B 435 -15.82 5.85 -1.58
N GLY B 436 -16.08 5.67 -0.29
CA GLY B 436 -16.61 6.74 0.53
C GLY B 436 -15.64 7.89 0.65
N TRP B 437 -14.36 7.58 0.89
CA TRP B 437 -13.31 8.59 0.97
C TRP B 437 -13.17 9.33 -0.35
N LEU B 438 -13.28 8.60 -1.45
CA LEU B 438 -13.24 9.19 -2.78
C LEU B 438 -14.39 10.18 -2.96
N GLY B 439 -15.57 9.80 -2.52
CA GLY B 439 -16.74 10.68 -2.59
C GLY B 439 -16.54 11.92 -1.77
N ALA B 440 -15.99 11.76 -0.57
CA ALA B 440 -15.68 12.89 0.29
C ALA B 440 -14.72 13.86 -0.38
N LEU B 441 -13.73 13.29 -1.06
CA LEU B 441 -12.77 14.08 -1.80
C LEU B 441 -13.46 14.85 -2.93
N THR B 442 -14.45 14.21 -3.56
CA THR B 442 -15.23 14.87 -4.61
C THR B 442 -15.99 16.06 -4.05
N MET B 443 -16.66 15.87 -2.93
CA MET B 443 -17.44 16.93 -2.31
C MET B 443 -16.52 18.05 -1.82
N ALA B 444 -15.30 17.68 -1.45
CA ALA B 444 -14.35 18.66 -0.94
C ALA B 444 -13.90 19.63 -2.01
N ASN B 445 -13.89 19.17 -3.26
CA ASN B 445 -13.43 19.99 -4.38
C ASN B 445 -14.57 20.73 -5.06
N LEU B 446 -15.79 20.53 -4.55
CA LEU B 446 -16.93 21.25 -5.06
C LEU B 446 -16.74 22.73 -4.82
N PRO B 447 -17.32 23.56 -5.68
CA PRO B 447 -17.30 25.00 -5.42
C PRO B 447 -18.32 25.34 -4.34
N SER B 448 -18.16 26.50 -3.74
CA SER B 448 -19.02 26.92 -2.63
C SER B 448 -20.30 27.61 -3.14
N TRP B 449 -20.81 27.15 -4.28
CA TRP B 449 -21.99 27.73 -4.94
C TRP B 449 -23.08 28.10 -3.95
N SER B 450 -23.41 29.39 -3.90
CA SER B 450 -24.57 29.83 -3.12
C SER B 450 -25.83 29.60 -3.96
N LEU B 451 -26.47 28.46 -3.70
CA LEU B 451 -27.68 28.06 -4.42
C LEU B 451 -28.90 28.63 -3.70
N GLY B 452 -29.82 29.18 -4.50
CA GLY B 452 -31.06 29.73 -3.98
C GLY B 452 -31.79 28.71 -3.13
N LYS B 453 -32.28 29.14 -1.97
CA LYS B 453 -33.12 28.30 -1.14
C LYS B 453 -34.45 28.08 -1.84
N TRP B 454 -34.94 26.84 -1.84
CA TRP B 454 -36.36 26.61 -2.09
C TRP B 454 -37.12 27.17 -0.90
N TYR B 455 -38.43 27.33 -1.01
CA TYR B 455 -39.23 28.05 -0.01
C TYR B 455 -40.66 27.59 -0.13
N SER B 456 -41.18 27.00 0.93
CA SER B 456 -42.50 26.40 0.85
C SER B 456 -43.53 27.44 1.20
N LYS B 457 -44.77 27.24 0.75
CA LYS B 457 -45.84 28.13 1.13
C LYS B 457 -46.02 28.06 2.65
N GLU B 458 -45.70 26.89 3.23
CA GLU B 458 -45.74 26.71 4.68
C GLU B 458 -44.59 27.42 5.37
N ASP B 459 -43.43 27.45 4.73
CA ASP B 459 -42.27 28.13 5.30
C ASP B 459 -42.52 29.63 5.43
N TYR B 460 -43.32 30.15 4.50
CA TYR B 460 -43.73 31.56 4.52
C TYR B 460 -44.93 31.74 5.44
N GLU B 461 -45.76 30.70 5.53
CA GLU B 461 -47.00 30.76 6.29
C GLU B 461 -46.76 30.77 7.80
N THR B 462 -45.82 29.94 8.26
CA THR B 462 -45.49 29.89 9.69
C THR B 462 -44.84 31.20 10.14
N LEU B 463 -44.07 31.81 9.25
CA LEU B 463 -43.47 33.11 9.52
C LEU B 463 -44.58 34.17 9.57
N LYS B 464 -45.51 34.06 8.62
CA LYS B 464 -46.67 34.95 8.52
C LYS B 464 -47.54 34.84 9.79
N ARG B 465 -47.49 33.68 10.42
CA ARG B 465 -48.20 33.44 11.68
C ARG B 465 -47.42 34.00 12.87
N ASP B 466 -46.08 33.86 12.82
CA ASP B 466 -45.20 34.34 13.89
C ASP B 466 -45.17 35.87 13.94
N ARG B 467 -45.50 36.51 12.81
CA ARG B 467 -45.62 37.96 12.79
C ARG B 467 -46.85 38.43 13.62
N LYS B 468 -48.01 37.84 13.31
CA LYS B 468 -49.27 38.12 14.02
C LYS B 468 -49.16 37.69 15.48
#